data_1XJB
#
_entry.id   1XJB
#
_cell.length_a   143.120
_cell.length_b   143.120
_cell.length_c   204.310
_cell.angle_alpha   90.00
_cell.angle_beta   90.00
_cell.angle_gamma   120.00
#
_symmetry.space_group_name_H-M   'H 3 2'
#
loop_
_entity.id
_entity.type
_entity.pdbx_description
1 polymer 'Aldo-keto reductase family 1 member C2'
2 non-polymer 'ACETATE ION'
3 non-polymer 'NADP NICOTINAMIDE-ADENINE-DINUCLEOTIDE PHOSPHATE'
4 non-polymer 1,2-ETHANEDIOL
5 non-polymer 'CITRIC ACID'
6 non-polymer BETA-MERCAPTOETHANOL
7 non-polymer 'SULFATE ION'
8 water water
#
_entity_poly.entity_id   1
_entity_poly.type   'polypeptide(L)'
_entity_poly.pdbx_seq_one_letter_code
;SVDDSKYQCVKLNDGHFMPVLGFGTYAPAEVPKSKALEAVKLAIEAGFHHIDSAHVYNNEEQVGLAIRSKIADGSVKRED
IFYTSKLWSNSHRPELVRPALERSLKNLQLDYVDLYLIHFPVSVKPGEEVIPKDENGKILFDTVDLCATWEAMEKCKDAG
LAKSIGVSNFNHRLLEMILNKPGLKYKPVCNQVECHPYFNQRKLLDFCKSKDIVLVAYSALGSHREEPWVDPNSPVLLED
PVLCALAKKHKRTPALIALRYQLQRGVVVLAKSYNEQRIRQNVQVFEFQLTSEEMKAIDGLNRNVRYLTLDIFAGPPNYP
FSDEY
;
_entity_poly.pdbx_strand_id   A,B
#
# COMPACT_ATOMS: atom_id res chain seq x y z
N SER A 1 -9.41 5.72 -14.98
CA SER A 1 -8.36 5.28 -15.95
C SER A 1 -8.34 3.75 -16.09
N VAL A 2 -7.66 3.05 -15.17
CA VAL A 2 -7.56 1.57 -15.18
C VAL A 2 -8.32 0.89 -14.00
N ASP A 3 -9.66 1.00 -14.05
CA ASP A 3 -10.54 0.31 -13.10
C ASP A 3 -10.25 -1.17 -13.27
N ASP A 4 -9.13 -1.39 -13.93
CA ASP A 4 -8.52 -2.69 -14.22
C ASP A 4 -8.55 -3.63 -13.04
N SER A 5 -7.76 -4.69 -13.19
CA SER A 5 -7.57 -5.71 -12.16
C SER A 5 -6.46 -5.22 -11.24
N LYS A 6 -6.18 -3.89 -11.28
CA LYS A 6 -5.27 -3.32 -10.32
C LYS A 6 -5.93 -2.47 -9.24
N TYR A 7 -5.44 -2.63 -8.02
CA TYR A 7 -5.94 -1.85 -6.86
C TYR A 7 -4.96 -2.06 -5.70
N GLN A 8 -5.04 -1.24 -4.66
CA GLN A 8 -4.12 -1.32 -3.55
C GLN A 8 -4.45 -2.46 -2.58
N CYS A 9 -3.46 -3.32 -2.36
CA CYS A 9 -3.49 -4.50 -1.48
C CYS A 9 -2.19 -4.54 -0.66
N VAL A 10 -2.25 -5.33 0.39
CA VAL A 10 -1.07 -5.61 1.25
C VAL A 10 -0.86 -7.09 1.34
N LYS A 11 0.41 -7.46 1.48
CA LYS A 11 0.76 -8.88 1.56
C LYS A 11 0.53 -9.40 2.97
N LEU A 12 -0.17 -10.51 3.10
CA LEU A 12 -0.47 -11.04 4.44
C LEU A 12 0.67 -12.03 4.81
N ASN A 13 0.77 -12.37 6.10
CA ASN A 13 1.90 -13.24 6.57
C ASN A 13 1.79 -14.69 6.05
N ASP A 14 0.65 -14.99 5.37
CA ASP A 14 0.58 -16.29 4.74
C ASP A 14 0.80 -16.28 3.22
N GLY A 15 1.17 -15.13 2.68
CA GLY A 15 1.47 -15.10 1.23
C GLY A 15 0.28 -14.59 0.39
N HIS A 16 -0.89 -14.37 1.01
CA HIS A 16 -2.03 -13.90 0.26
C HIS A 16 -2.06 -12.36 0.31
N PHE A 17 -2.92 -11.71 -0.49
CA PHE A 17 -3.01 -10.25 -0.51
C PHE A 17 -4.39 -9.79 -0.14
N MET A 18 -4.45 -8.69 0.62
CA MET A 18 -5.73 -8.16 1.05
C MET A 18 -5.91 -6.75 0.56
N PRO A 19 -7.01 -6.44 -0.14
CA PRO A 19 -7.25 -5.08 -0.60
C PRO A 19 -7.34 -4.23 0.66
N VAL A 20 -6.74 -3.07 0.62
CA VAL A 20 -6.65 -2.27 1.83
C VAL A 20 -7.92 -1.48 2.18
N LEU A 21 -8.89 -1.42 1.28
CA LEU A 21 -10.17 -0.78 1.60
C LEU A 21 -11.25 -1.87 1.47
N GLY A 22 -11.97 -2.12 2.56
CA GLY A 22 -13.03 -3.15 2.65
C GLY A 22 -14.39 -2.50 2.76
N PHE A 23 -15.42 -3.18 2.20
CA PHE A 23 -16.74 -2.72 2.30
C PHE A 23 -17.45 -3.47 3.46
N GLY A 24 -17.98 -2.74 4.41
CA GLY A 24 -18.71 -3.36 5.54
C GLY A 24 -20.13 -3.64 5.11
N THR A 25 -20.68 -4.77 5.62
CA THR A 25 -22.03 -5.10 5.16
C THR A 25 -23.04 -5.17 6.32
N TYR A 26 -22.64 -4.86 7.54
CA TYR A 26 -23.64 -4.99 8.64
C TYR A 26 -24.54 -3.78 8.58
N ALA A 27 -25.83 -4.00 8.78
CA ALA A 27 -26.79 -2.91 8.84
C ALA A 27 -27.73 -3.26 10.02
N PRO A 28 -28.17 -2.21 10.77
CA PRO A 28 -29.05 -2.43 11.93
C PRO A 28 -30.31 -3.21 11.55
N ALA A 29 -30.92 -3.85 12.55
CA ALA A 29 -32.11 -4.73 12.33
C ALA A 29 -33.28 -4.05 11.58
N GLU A 30 -33.50 -2.77 11.80
CA GLU A 30 -34.58 -2.10 11.10
C GLU A 30 -34.35 -2.03 9.60
N VAL A 31 -33.10 -2.28 9.11
CA VAL A 31 -32.87 -2.20 7.71
C VAL A 31 -33.17 -3.58 7.06
N PRO A 32 -34.03 -3.62 6.05
CA PRO A 32 -34.35 -4.89 5.39
C PRO A 32 -33.04 -5.53 4.79
N LYS A 33 -32.95 -6.84 4.94
CA LYS A 33 -31.81 -7.61 4.43
C LYS A 33 -31.59 -7.41 2.93
N SER A 34 -32.67 -7.18 2.18
CA SER A 34 -32.60 -6.96 0.77
C SER A 34 -31.65 -5.82 0.40
N LYS A 35 -31.57 -4.77 1.21
CA LYS A 35 -30.69 -3.65 0.93
C LYS A 35 -29.21 -4.05 0.80
N ALA A 36 -28.83 -5.15 1.45
CA ALA A 36 -27.41 -5.59 1.42
C ALA A 36 -27.06 -6.03 -0.01
N LEU A 37 -28.01 -6.63 -0.73
CA LEU A 37 -27.77 -7.11 -2.06
C LEU A 37 -27.35 -5.93 -2.95
N GLU A 38 -28.19 -4.88 -2.99
CA GLU A 38 -27.90 -3.75 -3.87
C GLU A 38 -26.66 -3.03 -3.41
N ALA A 39 -26.49 -2.94 -2.10
CA ALA A 39 -25.31 -2.21 -1.55
C ALA A 39 -24.00 -2.85 -2.02
N VAL A 40 -23.88 -4.16 -1.84
CA VAL A 40 -22.61 -4.87 -2.23
C VAL A 40 -22.38 -4.76 -3.73
N LYS A 41 -23.47 -4.87 -4.52
CA LYS A 41 -23.29 -4.65 -5.94
C LYS A 41 -22.75 -3.28 -6.26
N LEU A 42 -23.22 -2.26 -5.58
CA LEU A 42 -22.81 -0.92 -5.90
C LEU A 42 -21.37 -0.77 -5.44
N ALA A 43 -21.04 -1.38 -4.33
CA ALA A 43 -19.69 -1.34 -3.77
C ALA A 43 -18.67 -1.97 -4.79
N ILE A 44 -19.05 -3.11 -5.40
CA ILE A 44 -18.18 -3.73 -6.39
C ILE A 44 -18.05 -2.82 -7.59
N GLU A 45 -19.18 -2.25 -8.03
CA GLU A 45 -19.17 -1.37 -9.18
C GLU A 45 -18.27 -0.19 -8.90
N ALA A 46 -18.35 0.36 -7.69
CA ALA A 46 -17.55 1.55 -7.32
C ALA A 46 -16.02 1.26 -7.23
N GLY A 47 -15.63 0.00 -7.11
CA GLY A 47 -14.21 -0.31 -6.97
C GLY A 47 -13.76 -0.99 -5.71
N PHE A 48 -14.71 -1.38 -4.82
CA PHE A 48 -14.31 -2.13 -3.65
C PHE A 48 -14.00 -3.58 -4.11
N HIS A 49 -12.93 -4.14 -3.58
CA HIS A 49 -12.56 -5.45 -3.99
C HIS A 49 -12.52 -6.34 -2.74
N HIS A 50 -12.73 -5.74 -1.59
CA HIS A 50 -12.73 -6.44 -0.29
C HIS A 50 -14.10 -6.24 0.28
N ILE A 51 -14.72 -7.36 0.68
N ILE A 51 -14.69 -7.37 0.70
CA ILE A 51 -16.08 -7.34 1.21
CA ILE A 51 -16.06 -7.36 1.20
C ILE A 51 -16.08 -8.09 2.56
C ILE A 51 -16.06 -8.08 2.57
N ASP A 52 -16.53 -7.39 3.59
CA ASP A 52 -16.58 -7.95 4.94
C ASP A 52 -17.93 -8.32 5.48
N SER A 53 -18.11 -9.62 5.81
CA SER A 53 -19.38 -10.06 6.38
C SER A 53 -19.15 -11.02 7.52
N ALA A 54 -20.20 -11.71 7.96
CA ALA A 54 -20.09 -12.65 9.07
C ALA A 54 -21.40 -13.43 9.15
N HIS A 55 -21.33 -14.61 9.70
CA HIS A 55 -22.55 -15.39 9.92
C HIS A 55 -23.62 -14.59 10.74
N VAL A 56 -23.16 -13.88 11.76
CA VAL A 56 -24.05 -13.23 12.71
C VAL A 56 -24.72 -12.02 12.07
N TYR A 57 -24.27 -11.58 10.89
CA TYR A 57 -24.96 -10.44 10.29
C TYR A 57 -26.22 -10.85 9.52
N ASN A 58 -26.40 -12.13 9.33
CA ASN A 58 -27.67 -12.64 8.74
C ASN A 58 -27.92 -11.99 7.37
N ASN A 59 -26.89 -11.89 6.53
CA ASN A 59 -27.07 -11.30 5.20
C ASN A 59 -26.20 -12.05 4.21
N GLU A 60 -25.58 -13.13 4.64
CA GLU A 60 -24.64 -13.85 3.71
C GLU A 60 -25.35 -14.33 2.42
N GLU A 61 -26.64 -14.67 2.54
CA GLU A 61 -27.39 -15.03 1.32
C GLU A 61 -27.37 -13.86 0.31
N GLN A 62 -27.70 -12.65 0.79
CA GLN A 62 -27.75 -11.46 -0.06
C GLN A 62 -26.33 -11.07 -0.54
N VAL A 63 -25.35 -11.08 0.40
CA VAL A 63 -24.01 -10.64 0.06
C VAL A 63 -23.43 -11.65 -0.95
N GLY A 64 -23.72 -12.93 -0.72
CA GLY A 64 -23.20 -13.95 -1.63
C GLY A 64 -23.77 -13.75 -3.03
N LEU A 65 -25.10 -13.47 -3.10
CA LEU A 65 -25.76 -13.23 -4.36
C LEU A 65 -25.18 -12.07 -5.12
N ALA A 66 -24.91 -10.99 -4.39
CA ALA A 66 -24.32 -9.80 -5.00
C ALA A 66 -23.01 -10.21 -5.70
N ILE A 67 -22.12 -10.88 -4.95
CA ILE A 67 -20.85 -11.27 -5.47
C ILE A 67 -21.00 -12.18 -6.67
N ARG A 68 -21.78 -13.24 -6.54
CA ARG A 68 -22.07 -14.14 -7.65
C ARG A 68 -22.60 -13.41 -8.87
N SER A 69 -23.49 -12.45 -8.60
CA SER A 69 -24.07 -11.67 -9.68
C SER A 69 -23.05 -10.91 -10.47
N LYS A 70 -22.10 -10.25 -9.78
CA LYS A 70 -21.10 -9.46 -10.43
C LYS A 70 -20.04 -10.34 -11.11
N ILE A 71 -19.93 -11.59 -10.68
CA ILE A 71 -19.01 -12.49 -11.37
C ILE A 71 -19.70 -12.99 -12.62
N ALA A 72 -20.92 -13.46 -12.48
CA ALA A 72 -21.63 -14.04 -13.60
C ALA A 72 -21.92 -13.02 -14.69
N ASP A 73 -21.88 -11.75 -14.37
CA ASP A 73 -22.15 -10.79 -15.46
C ASP A 73 -20.88 -10.29 -16.09
N GLY A 74 -19.74 -10.77 -15.61
CA GLY A 74 -18.44 -10.41 -16.15
C GLY A 74 -17.87 -9.11 -15.65
N SER A 75 -18.46 -8.53 -14.60
CA SER A 75 -17.94 -7.29 -14.05
C SER A 75 -16.68 -7.54 -13.31
N VAL A 76 -16.57 -8.71 -12.66
CA VAL A 76 -15.37 -8.98 -11.85
C VAL A 76 -15.06 -10.48 -11.84
N LYS A 77 -13.80 -10.88 -11.59
CA LYS A 77 -13.49 -12.29 -11.45
C LYS A 77 -13.44 -12.66 -9.97
N ARG A 78 -13.58 -13.95 -9.67
CA ARG A 78 -13.59 -14.32 -8.28
C ARG A 78 -12.28 -13.97 -7.59
N GLU A 79 -11.16 -14.10 -8.31
CA GLU A 79 -9.87 -13.87 -7.72
C GLU A 79 -9.67 -12.38 -7.39
N ASP A 80 -10.54 -11.51 -7.88
CA ASP A 80 -10.46 -10.08 -7.60
C ASP A 80 -11.46 -9.62 -6.56
N ILE A 81 -12.06 -10.59 -5.90
CA ILE A 81 -12.94 -10.30 -4.75
C ILE A 81 -12.31 -11.01 -3.55
N PHE A 82 -12.15 -10.25 -2.46
CA PHE A 82 -11.60 -10.73 -1.21
C PHE A 82 -12.76 -10.70 -0.25
N TYR A 83 -13.36 -11.88 -0.05
CA TYR A 83 -14.53 -12.03 0.77
C TYR A 83 -14.16 -12.56 2.17
N THR A 84 -14.67 -11.90 3.22
CA THR A 84 -14.38 -12.32 4.61
C THR A 84 -15.65 -12.72 5.35
N SER A 85 -15.61 -13.91 5.95
CA SER A 85 -16.74 -14.26 6.90
C SER A 85 -16.14 -14.42 8.29
N LYS A 86 -16.99 -14.69 9.30
CA LYS A 86 -16.47 -14.83 10.63
C LYS A 86 -17.23 -15.96 11.32
N LEU A 87 -16.47 -16.75 12.07
CA LEU A 87 -16.98 -17.83 12.91
C LEU A 87 -17.63 -17.22 14.16
N TRP A 88 -18.90 -17.46 14.29
CA TRP A 88 -19.62 -16.92 15.50
C TRP A 88 -19.33 -17.81 16.73
N SER A 89 -19.46 -17.18 17.89
CA SER A 89 -19.17 -17.78 19.17
C SER A 89 -19.97 -19.01 19.56
N ASN A 90 -21.07 -19.36 18.86
CA ASN A 90 -21.79 -20.58 19.23
C ASN A 90 -21.07 -21.80 18.55
N SER A 91 -20.06 -21.49 17.73
CA SER A 91 -19.32 -22.57 17.00
C SER A 91 -17.84 -22.58 17.27
N HIS A 92 -17.43 -22.18 18.48
CA HIS A 92 -16.03 -22.19 18.88
C HIS A 92 -15.49 -23.61 19.13
N ARG A 93 -16.39 -24.53 19.59
CA ARG A 93 -15.91 -25.92 19.76
C ARG A 93 -15.30 -26.43 18.45
N PRO A 94 -14.13 -27.07 18.54
CA PRO A 94 -13.38 -27.47 17.33
C PRO A 94 -14.23 -28.21 16.29
N GLU A 95 -15.00 -29.20 16.73
CA GLU A 95 -15.74 -30.02 15.82
C GLU A 95 -16.84 -29.22 15.12
N LEU A 96 -17.19 -28.02 15.64
CA LEU A 96 -18.25 -27.20 15.06
C LEU A 96 -17.67 -26.11 14.08
N VAL A 97 -16.34 -25.93 14.07
CA VAL A 97 -15.76 -24.83 13.30
C VAL A 97 -16.00 -25.05 11.81
N ARG A 98 -15.50 -26.15 11.26
CA ARG A 98 -15.72 -26.41 9.82
C ARG A 98 -17.22 -26.46 9.41
N PRO A 99 -18.07 -27.12 10.19
CA PRO A 99 -19.49 -27.11 9.84
C PRO A 99 -20.03 -25.68 9.75
N ALA A 100 -19.48 -24.74 10.55
CA ALA A 100 -19.96 -23.37 10.56
C ALA A 100 -19.49 -22.70 9.24
N LEU A 101 -18.25 -22.96 8.90
CA LEU A 101 -17.71 -22.38 7.66
C LEU A 101 -18.54 -22.90 6.46
N GLU A 102 -18.74 -24.23 6.43
CA GLU A 102 -19.45 -24.85 5.34
C GLU A 102 -20.85 -24.30 5.20
N ARG A 103 -21.52 -23.99 6.32
N ARG A 103 -21.49 -23.99 6.34
CA ARG A 103 -22.86 -23.46 6.27
CA ARG A 103 -22.83 -23.45 6.39
C ARG A 103 -22.86 -22.05 5.69
C ARG A 103 -22.86 -22.07 5.75
N SER A 104 -21.89 -21.23 6.11
CA SER A 104 -21.79 -19.90 5.50
C SER A 104 -21.55 -20.04 3.98
N LEU A 105 -20.66 -20.94 3.58
CA LEU A 105 -20.37 -21.11 2.11
C LEU A 105 -21.64 -21.56 1.39
N LYS A 106 -22.49 -22.36 2.07
CA LYS A 106 -23.71 -22.83 1.45
C LYS A 106 -24.61 -21.65 1.21
N ASN A 107 -24.78 -20.81 2.23
CA ASN A 107 -25.59 -19.58 2.16
C ASN A 107 -25.07 -18.65 1.06
N LEU A 108 -23.77 -18.47 1.04
CA LEU A 108 -23.11 -17.55 0.06
C LEU A 108 -23.09 -18.14 -1.35
N GLN A 109 -23.04 -19.48 -1.47
CA GLN A 109 -22.82 -20.18 -2.78
C GLN A 109 -21.54 -19.76 -3.33
N LEU A 110 -20.54 -19.83 -2.47
CA LEU A 110 -19.13 -19.60 -2.89
C LEU A 110 -18.37 -20.86 -2.55
N ASP A 111 -17.22 -21.09 -3.17
CA ASP A 111 -16.46 -22.33 -2.89
C ASP A 111 -15.53 -22.16 -1.72
N TYR A 112 -15.11 -20.93 -1.53
CA TYR A 112 -14.21 -20.60 -0.44
C TYR A 112 -14.42 -19.16 0.01
N VAL A 113 -13.99 -18.87 1.26
CA VAL A 113 -13.92 -17.46 1.70
C VAL A 113 -12.46 -17.08 1.63
N ASP A 114 -12.15 -15.82 1.29
CA ASP A 114 -10.73 -15.45 1.29
C ASP A 114 -10.14 -15.32 2.69
N LEU A 115 -11.04 -15.06 3.68
CA LEU A 115 -10.58 -14.93 5.00
C LEU A 115 -11.73 -15.36 5.95
N TYR A 116 -11.38 -16.17 6.94
CA TYR A 116 -12.36 -16.59 7.97
C TYR A 116 -11.77 -16.20 9.31
N LEU A 117 -12.55 -15.47 10.12
CA LEU A 117 -12.03 -14.97 11.38
C LEU A 117 -12.76 -15.60 12.56
N ILE A 118 -12.07 -15.68 13.69
CA ILE A 118 -12.79 -15.95 14.96
C ILE A 118 -13.34 -14.61 15.28
N HIS A 119 -14.69 -14.52 15.32
CA HIS A 119 -15.39 -13.21 15.40
C HIS A 119 -15.21 -12.55 16.78
N PHE A 120 -15.31 -13.30 17.87
CA PHE A 120 -15.25 -12.73 19.22
C PHE A 120 -14.75 -13.86 20.19
N PRO A 121 -13.79 -13.56 21.07
CA PRO A 121 -13.10 -14.58 21.85
C PRO A 121 -13.96 -15.19 22.98
N VAL A 122 -15.16 -14.65 23.23
CA VAL A 122 -16.00 -15.22 24.29
C VAL A 122 -16.95 -16.20 23.64
N SER A 123 -17.01 -17.41 24.17
CA SER A 123 -17.81 -18.52 23.60
C SER A 123 -19.19 -18.60 24.27
N VAL A 124 -20.18 -19.01 23.46
CA VAL A 124 -21.51 -19.30 23.93
C VAL A 124 -21.91 -20.71 23.50
N LYS A 125 -22.91 -21.24 24.17
CA LYS A 125 -23.36 -22.57 23.92
C LYS A 125 -23.77 -22.86 22.48
N PRO A 126 -23.39 -24.06 22.00
CA PRO A 126 -23.73 -24.47 20.58
C PRO A 126 -25.24 -24.48 20.35
N GLY A 127 -25.63 -24.34 19.09
CA GLY A 127 -27.01 -24.39 18.68
C GLY A 127 -27.27 -23.29 17.67
N GLU A 128 -28.51 -23.22 17.20
CA GLU A 128 -28.89 -22.23 16.17
C GLU A 128 -28.87 -20.80 16.68
N GLU A 129 -29.30 -20.55 17.92
CA GLU A 129 -29.34 -19.17 18.44
C GLU A 129 -27.92 -18.62 18.58
N VAL A 130 -27.71 -17.44 18.01
CA VAL A 130 -26.41 -16.78 18.05
C VAL A 130 -26.12 -16.27 19.48
N ILE A 131 -27.13 -15.74 20.16
CA ILE A 131 -26.97 -15.34 21.57
C ILE A 131 -27.98 -16.14 22.39
N PRO A 132 -27.60 -17.38 22.70
CA PRO A 132 -28.43 -18.33 23.47
C PRO A 132 -28.57 -17.85 24.88
N LYS A 133 -29.83 -17.80 25.34
CA LYS A 133 -30.15 -17.39 26.69
C LYS A 133 -31.00 -18.42 27.37
N ASP A 134 -30.86 -18.56 28.67
CA ASP A 134 -31.74 -19.50 29.41
C ASP A 134 -33.13 -18.82 29.66
N GLU A 135 -34.01 -19.46 30.44
CA GLU A 135 -35.35 -19.00 30.59
C GLU A 135 -35.47 -17.70 31.36
N ASN A 136 -34.38 -17.37 32.08
CA ASN A 136 -34.26 -16.13 32.84
C ASN A 136 -33.48 -15.04 32.09
N GLY A 137 -33.24 -15.22 30.79
CA GLY A 137 -32.56 -14.22 29.97
C GLY A 137 -31.03 -14.14 30.15
N LYS A 138 -30.43 -15.09 30.85
CA LYS A 138 -29.00 -15.13 31.09
C LYS A 138 -28.40 -15.76 29.83
N ILE A 139 -27.37 -15.08 29.33
CA ILE A 139 -26.63 -15.61 28.22
C ILE A 139 -25.96 -16.91 28.64
N LEU A 140 -26.01 -17.90 27.75
CA LEU A 140 -25.44 -19.22 28.11
C LEU A 140 -23.99 -19.32 27.57
N PHE A 141 -23.05 -18.90 28.43
CA PHE A 141 -21.62 -18.92 28.10
C PHE A 141 -21.11 -20.36 28.04
N ASP A 142 -20.10 -20.61 27.21
CA ASP A 142 -19.51 -21.92 27.08
C ASP A 142 -18.01 -21.82 27.40
N THR A 143 -17.37 -22.91 27.79
CA THR A 143 -15.95 -22.91 28.11
C THR A 143 -15.32 -23.71 26.98
N VAL A 144 -14.51 -23.00 26.20
CA VAL A 144 -13.84 -23.63 25.02
C VAL A 144 -12.37 -23.16 24.96
N ASP A 145 -11.47 -24.07 24.68
CA ASP A 145 -10.09 -23.69 24.44
C ASP A 145 -9.82 -23.05 23.05
N LEU A 146 -9.61 -21.74 23.00
CA LEU A 146 -9.49 -21.08 21.72
C LEU A 146 -8.34 -21.64 20.92
N CYS A 147 -7.33 -22.20 21.60
CA CYS A 147 -6.24 -22.86 20.87
C CYS A 147 -6.74 -24.01 20.05
N ALA A 148 -7.68 -24.78 20.58
CA ALA A 148 -8.30 -25.91 19.86
C ALA A 148 -9.15 -25.29 18.71
N THR A 149 -9.90 -24.23 19.04
CA THR A 149 -10.69 -23.53 17.98
C THR A 149 -9.77 -23.14 16.81
N TRP A 150 -8.62 -22.57 17.13
CA TRP A 150 -7.66 -22.19 16.10
C TRP A 150 -7.15 -23.39 15.29
N GLU A 151 -6.80 -24.49 15.96
CA GLU A 151 -6.46 -25.65 15.23
C GLU A 151 -7.49 -26.05 14.19
N ALA A 152 -8.77 -25.99 14.58
CA ALA A 152 -9.86 -26.25 13.67
C ALA A 152 -9.88 -25.22 12.50
N MET A 153 -9.52 -23.99 12.79
CA MET A 153 -9.41 -22.95 11.76
C MET A 153 -8.28 -23.34 10.78
N GLU A 154 -7.12 -23.71 11.33
CA GLU A 154 -5.96 -24.13 10.50
C GLU A 154 -6.38 -25.22 9.56
N LYS A 155 -7.14 -26.18 10.03
CA LYS A 155 -7.64 -27.24 9.18
C LYS A 155 -8.56 -26.75 8.09
N CYS A 156 -9.34 -25.71 8.37
CA CYS A 156 -10.18 -25.16 7.32
C CYS A 156 -9.32 -24.56 6.18
N LYS A 157 -8.17 -24.04 6.53
CA LYS A 157 -7.32 -23.39 5.55
C LYS A 157 -6.65 -24.55 4.74
N ASP A 158 -6.11 -25.55 5.45
CA ASP A 158 -5.50 -26.74 4.77
C ASP A 158 -6.51 -27.37 3.80
N ALA A 159 -7.82 -27.24 4.14
CA ALA A 159 -8.83 -27.78 3.25
C ALA A 159 -9.15 -26.88 2.03
N GLY A 160 -8.61 -25.66 1.96
CA GLY A 160 -8.94 -24.71 0.88
C GLY A 160 -10.25 -23.93 1.05
N LEU A 161 -11.00 -24.24 2.13
CA LEU A 161 -12.25 -23.57 2.43
C LEU A 161 -12.07 -22.10 2.78
N ALA A 162 -10.95 -21.79 3.45
CA ALA A 162 -10.50 -20.43 3.70
C ALA A 162 -9.06 -20.20 3.21
N LYS A 163 -8.87 -19.16 2.40
CA LYS A 163 -7.51 -18.98 1.90
C LYS A 163 -6.61 -18.54 3.07
N SER A 164 -7.18 -17.64 3.90
CA SER A 164 -6.49 -17.14 5.05
C SER A 164 -7.37 -17.20 6.28
N ILE A 165 -6.75 -17.18 7.46
CA ILE A 165 -7.55 -17.19 8.70
C ILE A 165 -6.95 -16.16 9.63
N GLY A 166 -7.84 -15.54 10.47
CA GLY A 166 -7.38 -14.46 11.32
C GLY A 166 -8.31 -14.41 12.52
N VAL A 167 -8.21 -13.32 13.28
CA VAL A 167 -9.06 -13.18 14.44
C VAL A 167 -9.66 -11.76 14.45
N SER A 168 -10.57 -11.58 15.42
CA SER A 168 -11.23 -10.29 15.56
C SER A 168 -11.51 -10.07 17.03
N ASN A 169 -11.37 -8.81 17.47
CA ASN A 169 -11.68 -8.45 18.87
C ASN A 169 -10.80 -9.21 19.86
N PHE A 170 -9.61 -9.54 19.41
CA PHE A 170 -8.58 -10.15 20.29
C PHE A 170 -7.69 -9.06 20.84
N ASN A 171 -7.25 -9.25 22.08
CA ASN A 171 -6.35 -8.33 22.71
C ASN A 171 -4.93 -8.94 22.72
N HIS A 172 -4.00 -8.20 23.31
CA HIS A 172 -2.60 -8.63 23.44
C HIS A 172 -2.52 -10.08 23.99
N ARG A 173 -3.24 -10.35 25.09
CA ARG A 173 -3.09 -11.64 25.72
C ARG A 173 -3.58 -12.76 24.81
N LEU A 174 -4.72 -12.55 24.19
CA LEU A 174 -5.28 -13.57 23.38
C LEU A 174 -4.44 -13.85 22.12
N LEU A 175 -3.91 -12.77 21.53
CA LEU A 175 -2.97 -12.91 20.46
C LEU A 175 -1.78 -13.71 20.87
N GLU A 176 -1.16 -13.36 22.00
CA GLU A 176 0.06 -14.07 22.45
C GLU A 176 -0.28 -15.55 22.65
N MET A 177 -1.48 -15.76 23.21
CA MET A 177 -1.98 -17.09 23.46
C MET A 177 -1.91 -17.93 22.18
N ILE A 178 -2.44 -17.40 21.08
CA ILE A 178 -2.38 -18.09 19.79
C ILE A 178 -0.95 -18.22 19.22
N LEU A 179 -0.21 -17.13 19.24
CA LEU A 179 1.11 -17.05 18.62
C LEU A 179 2.08 -18.00 19.38
N ASN A 180 1.90 -18.13 20.70
CA ASN A 180 2.77 -18.95 21.56
C ASN A 180 2.22 -20.37 21.76
N LYS A 181 1.17 -20.74 21.03
CA LYS A 181 0.64 -22.09 21.06
C LYS A 181 1.59 -23.18 20.53
N PRO A 182 1.80 -24.25 21.29
CA PRO A 182 2.66 -25.35 20.76
C PRO A 182 2.10 -25.95 19.46
N GLY A 183 2.93 -26.13 18.46
CA GLY A 183 2.47 -26.79 17.27
C GLY A 183 1.81 -25.82 16.29
N LEU A 184 1.85 -24.50 16.57
CA LEU A 184 1.16 -23.50 15.77
C LEU A 184 1.57 -23.66 14.32
N LYS A 185 0.58 -23.81 13.43
CA LYS A 185 0.85 -23.98 12.03
C LYS A 185 0.75 -22.66 11.23
N TYR A 186 -0.38 -21.94 11.47
CA TYR A 186 -0.61 -20.67 10.78
C TYR A 186 -0.93 -19.54 11.77
N LYS A 187 -0.13 -18.49 11.73
CA LYS A 187 -0.31 -17.33 12.50
C LYS A 187 -1.64 -16.67 11.97
N PRO A 188 -2.34 -15.88 12.78
CA PRO A 188 -3.47 -15.11 12.22
C PRO A 188 -2.96 -14.04 11.29
N VAL A 189 -3.66 -13.88 10.17
CA VAL A 189 -3.08 -12.93 9.16
C VAL A 189 -3.51 -11.52 9.64
N CYS A 190 -4.49 -11.45 10.58
CA CYS A 190 -5.05 -10.11 10.98
C CYS A 190 -5.72 -10.16 12.32
N ASN A 191 -6.11 -8.96 12.82
CA ASN A 191 -6.93 -8.79 14.03
C ASN A 191 -7.81 -7.61 13.68
N GLN A 192 -9.06 -7.93 13.32
CA GLN A 192 -10.01 -6.93 13.01
C GLN A 192 -10.60 -6.41 14.32
N VAL A 193 -10.39 -5.10 14.52
CA VAL A 193 -10.83 -4.46 15.77
C VAL A 193 -11.34 -3.02 15.52
N GLU A 194 -12.08 -2.49 16.48
CA GLU A 194 -12.56 -1.12 16.33
C GLU A 194 -11.35 -0.21 16.28
N CYS A 195 -11.38 0.74 15.36
CA CYS A 195 -10.25 1.67 15.22
C CYS A 195 -10.61 2.91 14.40
N HIS A 196 -10.27 4.05 14.95
CA HIS A 196 -10.69 5.37 14.41
C HIS A 196 -9.97 6.45 15.25
N PRO A 197 -9.95 7.71 14.76
CA PRO A 197 -9.21 8.77 15.46
C PRO A 197 -9.63 8.96 16.93
N TYR A 198 -10.76 8.43 17.36
CA TYR A 198 -11.11 8.59 18.79
C TYR A 198 -10.67 7.39 19.59
N PHE A 199 -10.17 6.38 18.91
CA PHE A 199 -9.72 5.16 19.56
C PHE A 199 -8.73 4.52 18.54
N ASN A 200 -7.53 5.11 18.44
CA ASN A 200 -6.63 4.75 17.33
C ASN A 200 -5.80 3.47 17.53
N GLN A 201 -5.99 2.79 18.68
CA GLN A 201 -5.29 1.50 18.89
C GLN A 201 -3.80 1.50 18.70
N ARG A 202 -3.13 2.65 18.97
CA ARG A 202 -1.70 2.77 18.81
C ARG A 202 -0.93 1.55 19.32
N LYS A 203 -1.19 1.17 20.59
CA LYS A 203 -0.39 0.09 21.19
C LYS A 203 -0.57 -1.26 20.51
N LEU A 204 -1.80 -1.60 20.25
CA LEU A 204 -2.18 -2.87 19.68
C LEU A 204 -1.67 -2.86 18.25
N LEU A 205 -1.75 -1.71 17.60
CA LEU A 205 -1.22 -1.57 16.21
C LEU A 205 0.28 -1.94 16.14
N ASP A 206 1.08 -1.32 16.98
CA ASP A 206 2.47 -1.67 17.07
C ASP A 206 2.72 -3.14 17.35
N PHE A 207 2.00 -3.69 18.32
CA PHE A 207 2.13 -5.10 18.57
C PHE A 207 1.91 -5.99 17.34
N CYS A 208 0.78 -5.80 16.67
CA CYS A 208 0.44 -6.53 15.46
C CYS A 208 1.57 -6.40 14.41
N LYS A 209 2.01 -5.15 14.19
CA LYS A 209 3.02 -4.89 13.21
C LYS A 209 4.27 -5.73 13.56
N SER A 210 4.59 -5.82 14.86
CA SER A 210 5.84 -6.48 15.29
C SER A 210 5.75 -7.99 15.02
N LYS A 211 4.54 -8.45 14.71
CA LYS A 211 4.24 -9.86 14.39
C LYS A 211 3.74 -9.99 12.97
N ASP A 212 3.86 -8.91 12.21
CA ASP A 212 3.39 -8.86 10.86
C ASP A 212 1.89 -9.27 10.78
N ILE A 213 1.09 -8.82 11.76
CA ILE A 213 -0.32 -9.12 11.69
C ILE A 213 -0.92 -7.81 11.22
N VAL A 214 -1.82 -7.88 10.24
CA VAL A 214 -2.47 -6.67 9.76
C VAL A 214 -3.67 -6.34 10.71
N LEU A 215 -3.72 -5.09 11.19
CA LEU A 215 -4.87 -4.66 12.03
C LEU A 215 -5.88 -4.14 11.03
N VAL A 216 -7.05 -4.74 10.99
CA VAL A 216 -8.13 -4.25 10.13
C VAL A 216 -9.13 -3.44 10.98
N ALA A 217 -9.38 -2.17 10.59
CA ALA A 217 -10.23 -1.24 11.40
C ALA A 217 -11.68 -1.30 11.04
N TYR A 218 -12.49 -1.61 12.06
CA TYR A 218 -13.90 -1.56 11.87
C TYR A 218 -14.52 -0.39 12.61
N SER A 219 -15.71 0.04 12.21
CA SER A 219 -16.33 1.23 12.83
C SER A 219 -15.32 2.39 12.66
N ALA A 220 -14.69 2.45 11.48
CA ALA A 220 -13.62 3.46 11.23
C ALA A 220 -14.23 4.81 11.01
N LEU A 221 -15.53 4.86 10.71
CA LEU A 221 -16.30 6.11 10.55
C LEU A 221 -17.15 6.51 11.78
N GLY A 222 -16.94 5.78 12.87
CA GLY A 222 -17.59 6.09 14.13
C GLY A 222 -18.75 5.14 14.43
N SER A 223 -18.81 4.05 13.67
CA SER A 223 -19.77 2.96 13.87
C SER A 223 -21.22 3.22 13.39
N HIS A 224 -22.01 2.12 13.42
CA HIS A 224 -23.40 2.21 13.00
C HIS A 224 -24.19 2.92 14.11
N ARG A 225 -23.60 3.03 15.34
CA ARG A 225 -24.27 3.72 16.47
C ARG A 225 -25.62 3.10 16.80
N GLU A 226 -25.79 1.83 16.45
CA GLU A 226 -27.03 1.13 16.73
C GLU A 226 -27.21 0.84 18.24
N GLU A 227 -28.36 1.22 18.78
CA GLU A 227 -28.63 0.87 20.16
C GLU A 227 -29.36 -0.47 20.29
N PRO A 228 -28.92 -1.33 21.26
CA PRO A 228 -28.34 -0.85 22.54
C PRO A 228 -26.82 -1.24 22.49
N TRP A 229 -26.29 -1.51 21.29
CA TRP A 229 -24.88 -1.83 21.09
C TRP A 229 -24.01 -0.65 21.40
N VAL A 230 -24.45 0.55 21.00
CA VAL A 230 -23.62 1.74 21.14
C VAL A 230 -24.33 2.82 21.94
N ASP A 231 -23.60 3.43 22.86
CA ASP A 231 -24.12 4.47 23.73
C ASP A 231 -24.41 5.68 22.89
N PRO A 232 -25.69 6.08 22.84
CA PRO A 232 -26.10 7.23 21.97
C PRO A 232 -25.53 8.56 22.49
N ASN A 233 -25.13 8.63 23.76
CA ASN A 233 -24.34 9.79 24.22
C ASN A 233 -22.89 9.88 23.69
N SER A 234 -22.39 8.80 23.08
CA SER A 234 -21.02 8.80 22.57
C SER A 234 -20.87 9.95 21.53
N PRO A 235 -19.67 10.57 21.42
CA PRO A 235 -19.45 11.65 20.42
C PRO A 235 -19.64 11.08 19.02
N VAL A 236 -20.13 11.89 18.09
CA VAL A 236 -20.20 11.54 16.66
C VAL A 236 -18.82 11.82 16.01
N LEU A 237 -18.08 10.75 15.66
CA LEU A 237 -16.76 10.93 15.11
C LEU A 237 -16.76 11.91 13.91
N LEU A 238 -17.71 11.69 12.97
CA LEU A 238 -17.66 12.50 11.72
C LEU A 238 -18.02 13.97 11.94
N GLU A 239 -18.48 14.29 13.15
CA GLU A 239 -18.72 15.70 13.45
C GLU A 239 -17.53 16.38 14.05
N ASP A 240 -16.44 15.65 14.28
CA ASP A 240 -15.25 16.26 14.87
C ASP A 240 -14.81 17.50 14.09
N PRO A 241 -14.55 18.63 14.79
CA PRO A 241 -14.03 19.87 14.14
C PRO A 241 -12.71 19.76 13.36
N VAL A 242 -11.75 19.07 13.96
CA VAL A 242 -10.51 18.84 13.28
C VAL A 242 -10.67 18.06 11.97
N LEU A 243 -11.46 16.99 12.01
CA LEU A 243 -11.77 16.25 10.81
C LEU A 243 -12.44 17.12 9.75
N CYS A 244 -13.44 17.89 10.22
CA CYS A 244 -14.19 18.82 9.36
C CYS A 244 -13.27 19.87 8.73
N ALA A 245 -12.31 20.35 9.51
CA ALA A 245 -11.36 21.34 9.04
C ALA A 245 -10.47 20.76 7.94
N LEU A 246 -9.92 19.58 8.22
CA LEU A 246 -9.11 18.88 7.26
C LEU A 246 -9.89 18.57 6.00
N ALA A 247 -11.09 18.05 6.16
CA ALA A 247 -11.98 17.77 5.03
C ALA A 247 -12.12 18.99 4.15
N LYS A 248 -12.38 20.14 4.78
CA LYS A 248 -12.52 21.41 4.05
C LYS A 248 -11.23 21.79 3.29
N LYS A 249 -10.09 21.65 3.95
CA LYS A 249 -8.83 22.00 3.42
C LYS A 249 -8.59 21.17 2.15
N HIS A 250 -8.81 19.83 2.22
CA HIS A 250 -8.52 18.91 1.13
C HIS A 250 -9.62 18.86 0.12
N LYS A 251 -10.68 19.61 0.36
CA LYS A 251 -11.84 19.49 -0.50
C LYS A 251 -12.38 18.03 -0.55
N ARG A 252 -12.36 17.36 0.61
CA ARG A 252 -12.88 16.00 0.72
C ARG A 252 -13.98 16.03 1.78
N THR A 253 -14.14 14.95 2.57
CA THR A 253 -15.16 14.81 3.57
C THR A 253 -14.52 14.24 4.83
N PRO A 254 -15.14 14.49 6.00
CA PRO A 254 -14.60 13.95 7.27
C PRO A 254 -14.42 12.43 7.16
N ALA A 255 -15.40 11.74 6.51
CA ALA A 255 -15.24 10.31 6.30
C ALA A 255 -13.97 9.94 5.55
N LEU A 256 -13.70 10.67 4.45
CA LEU A 256 -12.50 10.42 3.65
C LEU A 256 -11.22 10.60 4.46
N ILE A 257 -11.18 11.67 5.24
CA ILE A 257 -10.00 11.93 6.10
C ILE A 257 -9.76 10.77 7.05
N ALA A 258 -10.84 10.29 7.70
CA ALA A 258 -10.80 9.19 8.65
C ALA A 258 -10.30 7.89 8.04
N LEU A 259 -10.71 7.62 6.81
CA LEU A 259 -10.28 6.41 6.15
C LEU A 259 -8.82 6.56 5.72
N ARG A 260 -8.49 7.70 5.12
CA ARG A 260 -7.09 7.92 4.64
C ARG A 260 -6.10 7.82 5.79
N TYR A 261 -6.51 8.29 6.96
CA TYR A 261 -5.73 8.24 8.14
C TYR A 261 -5.24 6.82 8.39
N GLN A 262 -6.19 5.85 8.35
CA GLN A 262 -5.85 4.43 8.58
C GLN A 262 -4.89 3.92 7.51
N LEU A 263 -5.16 4.22 6.25
CA LEU A 263 -4.35 3.70 5.20
C LEU A 263 -2.90 4.15 5.41
N GLN A 264 -2.71 5.38 5.84
CA GLN A 264 -1.37 5.93 5.98
C GLN A 264 -0.62 5.46 7.26
N ARG A 265 -1.30 4.76 8.17
CA ARG A 265 -0.63 4.22 9.34
C ARG A 265 -0.48 2.71 9.22
N GLY A 266 -0.75 2.19 8.02
CA GLY A 266 -0.59 0.78 7.68
C GLY A 266 -1.81 -0.07 8.16
N VAL A 267 -2.97 0.57 8.33
CA VAL A 267 -4.13 -0.17 8.76
C VAL A 267 -5.06 -0.41 7.53
N VAL A 268 -5.57 -1.65 7.40
CA VAL A 268 -6.57 -1.91 6.39
C VAL A 268 -7.88 -1.43 6.98
N VAL A 269 -8.64 -0.62 6.19
CA VAL A 269 -9.78 0.01 6.75
C VAL A 269 -11.11 -0.44 6.09
N LEU A 270 -12.14 -0.67 6.93
CA LEU A 270 -13.43 -1.01 6.41
C LEU A 270 -14.24 0.25 6.39
N ALA A 271 -15.32 0.25 5.58
CA ALA A 271 -16.22 1.39 5.56
C ALA A 271 -17.58 0.87 5.11
N LYS A 272 -18.60 1.08 5.92
CA LYS A 272 -19.92 0.58 5.58
C LYS A 272 -20.73 1.78 5.07
N SER A 273 -21.46 1.56 3.99
CA SER A 273 -22.46 2.54 3.55
C SER A 273 -23.44 1.82 2.60
N TYR A 274 -24.75 2.15 2.75
CA TYR A 274 -25.73 1.58 1.88
C TYR A 274 -26.24 2.69 0.99
N ASN A 275 -25.60 3.85 1.02
CA ASN A 275 -25.99 4.96 0.16
C ASN A 275 -25.11 5.01 -1.11
N GLU A 276 -25.72 4.99 -2.30
CA GLU A 276 -24.97 4.91 -3.55
C GLU A 276 -23.92 6.03 -3.67
N GLN A 277 -24.27 7.25 -3.30
CA GLN A 277 -23.33 8.38 -3.40
C GLN A 277 -22.16 8.21 -2.40
N ARG A 278 -22.42 7.78 -1.16
CA ARG A 278 -21.33 7.69 -0.17
C ARG A 278 -20.43 6.49 -0.53
N ILE A 279 -21.06 5.49 -1.14
CA ILE A 279 -20.31 4.25 -1.51
C ILE A 279 -19.26 4.69 -2.49
N ARG A 280 -19.69 5.40 -3.51
CA ARG A 280 -18.72 5.94 -4.51
C ARG A 280 -17.74 6.95 -3.91
N GLN A 281 -18.22 7.79 -3.01
CA GLN A 281 -17.34 8.76 -2.37
C GLN A 281 -16.16 8.10 -1.64
N ASN A 282 -16.42 7.04 -0.89
CA ASN A 282 -15.40 6.37 -0.08
C ASN A 282 -14.20 5.82 -0.81
N VAL A 283 -14.36 5.39 -2.07
N VAL A 283 -14.39 5.44 -2.07
CA VAL A 283 -13.23 4.84 -2.81
CA VAL A 283 -13.35 4.87 -2.89
C VAL A 283 -12.29 6.01 -3.25
C VAL A 283 -12.36 6.00 -3.32
N GLN A 284 -12.72 7.25 -3.00
CA GLN A 284 -11.93 8.44 -3.31
C GLN A 284 -10.74 8.50 -2.32
N VAL A 285 -10.72 7.61 -1.34
CA VAL A 285 -9.61 7.60 -0.36
C VAL A 285 -8.23 7.38 -1.12
N PHE A 286 -8.28 6.84 -2.33
CA PHE A 286 -7.03 6.59 -3.13
C PHE A 286 -6.60 7.82 -3.96
N GLU A 287 -7.39 8.91 -3.87
CA GLU A 287 -7.17 10.08 -4.69
C GLU A 287 -6.38 11.19 -4.03
N PHE A 288 -6.14 11.08 -2.72
CA PHE A 288 -5.34 12.12 -2.10
C PHE A 288 -4.48 11.50 -1.02
N GLN A 289 -3.66 12.32 -0.37
CA GLN A 289 -2.84 11.85 0.75
C GLN A 289 -2.76 12.94 1.80
N LEU A 290 -2.41 12.56 3.04
CA LEU A 290 -2.28 13.49 4.15
C LEU A 290 -0.77 13.65 4.48
N THR A 291 -0.40 14.88 4.86
CA THR A 291 0.99 15.23 5.32
C THR A 291 1.22 14.74 6.75
N SER A 292 2.49 14.68 7.13
CA SER A 292 2.82 14.19 8.49
C SER A 292 2.19 15.09 9.54
N GLU A 293 2.09 16.39 9.27
CA GLU A 293 1.41 17.27 10.24
C GLU A 293 -0.04 16.96 10.40
N GLU A 294 -0.69 16.69 9.26
CA GLU A 294 -2.10 16.32 9.27
C GLU A 294 -2.33 15.02 10.01
N MET A 295 -1.47 14.05 9.76
CA MET A 295 -1.47 12.77 10.50
C MET A 295 -1.35 12.98 11.99
N LYS A 296 -0.38 13.83 12.37
CA LYS A 296 -0.18 14.12 13.80
C LYS A 296 -1.41 14.79 14.42
N ALA A 297 -2.05 15.69 13.66
CA ALA A 297 -3.22 16.38 14.11
C ALA A 297 -4.40 15.38 14.36
N ILE A 298 -4.46 14.31 13.58
CA ILE A 298 -5.47 13.28 13.75
C ILE A 298 -5.14 12.38 14.93
N ASP A 299 -3.84 12.06 15.06
CA ASP A 299 -3.35 11.33 16.22
C ASP A 299 -3.77 12.01 17.50
N GLY A 300 -3.78 13.34 17.49
CA GLY A 300 -4.19 14.13 18.67
C GLY A 300 -5.67 14.02 19.08
N LEU A 301 -6.51 13.45 18.24
CA LEU A 301 -7.93 13.30 18.59
C LEU A 301 -8.16 12.08 19.48
N ASN A 302 -7.14 11.26 19.69
CA ASN A 302 -7.38 10.00 20.36
C ASN A 302 -7.96 10.25 21.77
N ARG A 303 -9.10 9.64 22.02
CA ARG A 303 -9.71 9.89 23.31
C ARG A 303 -10.18 8.69 24.10
N ASN A 304 -9.64 7.52 23.78
CA ASN A 304 -10.07 6.30 24.45
C ASN A 304 -11.62 6.08 24.46
N VAL A 305 -12.27 6.44 23.35
CA VAL A 305 -13.74 6.32 23.20
C VAL A 305 -13.94 5.03 22.42
N ARG A 306 -14.30 3.95 23.13
CA ARG A 306 -14.69 2.73 22.46
C ARG A 306 -16.17 2.69 22.20
N TYR A 307 -16.58 2.75 20.94
CA TYR A 307 -18.04 2.77 20.63
C TYR A 307 -18.73 1.41 20.90
N LEU A 308 -18.00 0.32 20.64
CA LEU A 308 -18.56 -1.04 20.68
C LEU A 308 -17.91 -1.89 21.75
N THR A 309 -18.51 -1.91 22.95
CA THR A 309 -17.97 -2.68 24.05
C THR A 309 -18.38 -4.15 24.02
N LEU A 310 -19.52 -4.48 23.44
CA LEU A 310 -20.02 -5.84 23.43
C LEU A 310 -20.02 -6.37 24.87
N ASP A 311 -20.34 -5.50 25.81
CA ASP A 311 -20.24 -5.89 27.22
C ASP A 311 -21.29 -6.86 27.70
N ILE A 312 -22.27 -7.18 26.86
CA ILE A 312 -23.16 -8.24 27.23
C ILE A 312 -22.37 -9.54 27.36
N PHE A 313 -21.19 -9.58 26.73
CA PHE A 313 -20.35 -10.75 26.78
C PHE A 313 -19.23 -10.61 27.83
N ALA A 314 -19.30 -9.54 28.63
CA ALA A 314 -18.30 -9.28 29.71
C ALA A 314 -18.60 -10.32 30.83
N GLY A 315 -17.58 -10.68 31.63
CA GLY A 315 -17.73 -11.66 32.71
C GLY A 315 -16.76 -12.77 32.57
N PRO A 316 -16.91 -13.61 31.51
CA PRO A 316 -15.98 -14.72 31.27
C PRO A 316 -14.56 -14.21 31.06
N PRO A 317 -13.54 -14.98 31.44
CA PRO A 317 -12.15 -14.52 31.36
C PRO A 317 -11.71 -14.02 29.99
N ASN A 318 -12.27 -14.59 28.92
CA ASN A 318 -11.79 -14.18 27.58
C ASN A 318 -12.35 -12.85 27.10
N TYR A 319 -13.21 -12.19 27.88
CA TYR A 319 -13.73 -10.88 27.49
C TYR A 319 -12.54 -10.03 27.21
N PRO A 320 -12.42 -9.51 25.97
CA PRO A 320 -11.19 -8.81 25.57
C PRO A 320 -10.91 -7.36 25.94
N PHE A 321 -11.93 -6.61 26.36
CA PHE A 321 -11.71 -5.17 26.53
C PHE A 321 -11.38 -4.66 27.96
N SER A 322 -11.11 -5.55 28.89
CA SER A 322 -10.75 -5.13 30.22
C SER A 322 -9.27 -4.76 30.26
N ASP A 323 -8.43 -5.53 29.56
CA ASP A 323 -7.00 -5.29 29.55
C ASP A 323 -6.71 -3.97 28.90
N GLU A 324 -5.52 -3.44 29.19
CA GLU A 324 -5.13 -2.16 28.65
C GLU A 324 -5.17 -2.17 27.11
N TYR A 325 -4.78 -3.29 26.51
CA TYR A 325 -4.87 -3.52 25.08
C TYR A 325 -4.51 -5.00 24.88
N ASP B 4 1.39 -15.36 -6.71
CA ASP B 4 1.85 -14.42 -7.81
C ASP B 4 0.57 -13.72 -8.32
N SER B 5 0.70 -12.99 -9.43
CA SER B 5 -0.46 -12.29 -10.02
C SER B 5 -0.91 -10.99 -9.27
N LYS B 6 -0.69 -10.97 -7.95
CA LYS B 6 -0.94 -9.86 -7.08
C LYS B 6 0.27 -9.38 -6.39
N TYR B 7 0.40 -8.07 -6.25
CA TYR B 7 1.52 -7.41 -5.54
C TYR B 7 1.09 -5.98 -5.10
N GLN B 8 1.91 -5.34 -4.25
CA GLN B 8 1.57 -4.03 -3.70
C GLN B 8 1.87 -2.90 -4.64
N CYS B 9 0.81 -2.12 -4.91
N CYS B 9 0.82 -2.12 -4.94
CA CYS B 9 0.86 -0.98 -5.84
CA CYS B 9 0.96 -0.95 -5.80
C CYS B 9 0.18 0.21 -5.19
C CYS B 9 0.19 0.20 -5.20
N VAL B 10 0.45 1.39 -5.72
CA VAL B 10 -0.28 2.60 -5.25
C VAL B 10 -0.91 3.24 -6.47
N LYS B 11 -2.03 3.93 -6.24
CA LYS B 11 -2.77 4.56 -7.29
C LYS B 11 -2.14 5.93 -7.57
N LEU B 12 -1.74 6.17 -8.83
CA LEU B 12 -1.18 7.46 -9.21
C LEU B 12 -2.29 8.45 -9.49
N ASN B 13 -1.94 9.73 -9.52
CA ASN B 13 -2.97 10.74 -9.79
C ASN B 13 -3.59 10.77 -11.18
N ASP B 14 -3.09 9.91 -12.08
CA ASP B 14 -3.73 9.81 -13.39
C ASP B 14 -4.49 8.51 -13.54
N GLY B 15 -4.69 7.81 -12.42
CA GLY B 15 -5.52 6.61 -12.44
C GLY B 15 -4.66 5.34 -12.63
N HIS B 16 -3.42 5.43 -13.07
CA HIS B 16 -2.57 4.21 -13.23
C HIS B 16 -1.98 3.76 -11.89
N PHE B 17 -1.51 2.50 -11.81
CA PHE B 17 -0.96 1.99 -10.56
C PHE B 17 0.48 1.69 -10.67
N MET B 18 1.23 2.07 -9.65
CA MET B 18 2.67 1.82 -9.64
C MET B 18 3.05 0.83 -8.51
N PRO B 19 3.77 -0.27 -8.81
CA PRO B 19 4.21 -1.16 -7.80
C PRO B 19 5.18 -0.39 -6.86
N VAL B 20 5.03 -0.64 -5.57
CA VAL B 20 5.77 0.17 -4.60
C VAL B 20 7.21 -0.20 -4.41
N LEU B 21 7.63 -1.39 -4.88
CA LEU B 21 9.03 -1.71 -4.88
C LEU B 21 9.56 -1.78 -6.33
N GLY B 22 10.55 -1.01 -6.58
CA GLY B 22 11.11 -0.91 -7.95
C GLY B 22 12.55 -1.43 -7.99
N PHE B 23 12.89 -1.96 -9.14
CA PHE B 23 14.20 -2.50 -9.34
C PHE B 23 15.06 -1.51 -10.15
N GLY B 24 16.18 -1.05 -9.56
CA GLY B 24 17.08 -0.10 -10.22
C GLY B 24 17.96 -0.87 -11.19
N THR B 25 18.24 -0.22 -12.32
CA THR B 25 19.09 -0.91 -13.30
C THR B 25 20.42 -0.25 -13.68
N TYR B 26 20.73 0.89 -13.08
CA TYR B 26 21.97 1.58 -13.37
C TYR B 26 23.18 0.80 -12.76
N ALA B 27 24.27 0.79 -13.47
CA ALA B 27 25.46 0.12 -12.93
C ALA B 27 26.67 0.89 -13.44
N PRO B 28 27.70 1.11 -12.59
CA PRO B 28 28.87 1.93 -13.01
C PRO B 28 29.43 1.53 -14.38
N ALA B 29 30.16 2.46 -14.97
CA ALA B 29 30.75 2.28 -16.31
C ALA B 29 31.57 0.98 -16.41
N GLU B 30 32.32 0.66 -15.37
CA GLU B 30 33.17 -0.53 -15.40
C GLU B 30 32.39 -1.84 -15.48
N VAL B 31 31.09 -1.78 -15.18
CA VAL B 31 30.32 -3.03 -15.18
C VAL B 31 29.80 -3.28 -16.57
N PRO B 32 29.96 -4.51 -17.09
CA PRO B 32 29.51 -4.84 -18.46
C PRO B 32 27.99 -4.71 -18.52
N LYS B 33 27.53 -4.04 -19.57
CA LYS B 33 26.11 -3.86 -19.83
C LYS B 33 25.32 -5.18 -19.86
N SER B 34 26.03 -6.30 -20.00
CA SER B 34 25.38 -7.61 -20.02
C SER B 34 24.88 -8.04 -18.66
N LYS B 35 25.42 -7.41 -17.62
CA LYS B 35 25.06 -7.84 -16.32
C LYS B 35 23.64 -7.33 -16.04
N ALA B 36 23.23 -6.25 -16.72
CA ALA B 36 21.89 -5.69 -16.55
C ALA B 36 20.88 -6.65 -17.14
N LEU B 37 21.21 -7.30 -18.25
CA LEU B 37 20.31 -8.27 -18.85
C LEU B 37 19.86 -9.36 -17.87
N GLU B 38 20.85 -10.02 -17.25
CA GLU B 38 20.55 -11.09 -16.29
C GLU B 38 19.92 -10.61 -14.98
N ALA B 39 20.33 -9.43 -14.53
CA ALA B 39 19.87 -8.87 -13.30
C ALA B 39 18.35 -8.54 -13.40
N VAL B 40 17.94 -7.99 -14.54
CA VAL B 40 16.53 -7.70 -14.77
C VAL B 40 15.71 -9.00 -14.82
N LYS B 41 16.27 -10.02 -15.48
CA LYS B 41 15.57 -11.29 -15.52
C LYS B 41 15.37 -11.86 -14.10
N LEU B 42 16.40 -11.79 -13.27
CA LEU B 42 16.36 -12.32 -11.94
C LEU B 42 15.33 -11.50 -11.14
N ALA B 43 15.46 -10.17 -11.19
CA ALA B 43 14.56 -9.25 -10.50
C ALA B 43 13.08 -9.63 -10.79
N ILE B 44 12.80 -9.88 -12.06
CA ILE B 44 11.46 -10.30 -12.40
C ILE B 44 11.11 -11.62 -11.72
N GLU B 45 12.00 -12.63 -11.90
CA GLU B 45 11.82 -13.90 -11.27
C GLU B 45 11.54 -13.80 -9.78
N ALA B 46 12.28 -12.93 -9.08
CA ALA B 46 12.12 -12.71 -7.63
C ALA B 46 10.81 -12.02 -7.23
N GLY B 47 10.13 -11.34 -8.18
CA GLY B 47 8.84 -10.74 -7.91
C GLY B 47 8.88 -9.25 -8.08
N PHE B 48 9.99 -8.68 -8.60
CA PHE B 48 9.89 -7.23 -8.95
C PHE B 48 8.91 -7.04 -10.10
N HIS B 49 8.06 -6.01 -9.96
CA HIS B 49 7.07 -5.75 -11.01
C HIS B 49 7.28 -4.33 -11.55
N HIS B 50 8.29 -3.65 -11.03
N HIS B 50 8.29 -3.65 -11.03
CA HIS B 50 8.56 -2.26 -11.38
CA HIS B 50 8.56 -2.26 -11.38
C HIS B 50 10.06 -2.18 -11.69
C HIS B 50 10.06 -2.18 -11.69
N ILE B 51 10.39 -1.67 -12.89
CA ILE B 51 11.80 -1.69 -13.39
C ILE B 51 12.11 -0.23 -13.80
N ASP B 52 13.20 0.29 -13.23
CA ASP B 52 13.59 1.66 -13.43
C ASP B 52 14.84 1.82 -14.34
N SER B 53 14.72 2.50 -15.45
CA SER B 53 15.90 2.82 -16.28
C SER B 53 15.90 4.23 -16.84
N ALA B 54 16.66 4.46 -17.90
CA ALA B 54 16.76 5.80 -18.49
C ALA B 54 17.63 5.68 -19.72
N HIS B 55 17.38 6.57 -20.66
CA HIS B 55 18.20 6.56 -21.87
C HIS B 55 19.68 6.66 -21.49
N VAL B 56 19.96 7.52 -20.51
CA VAL B 56 21.37 7.85 -20.15
C VAL B 56 22.08 6.66 -19.48
N TYR B 57 21.32 5.64 -18.96
CA TYR B 57 22.02 4.46 -18.40
C TYR B 57 22.60 3.52 -19.46
N ASN B 58 22.26 3.78 -20.70
CA ASN B 58 22.78 3.03 -21.84
C ASN B 58 22.60 1.54 -21.71
N ASN B 59 21.46 1.12 -21.17
CA ASN B 59 21.20 -0.31 -21.00
C ASN B 59 19.80 -0.71 -21.47
N GLU B 60 19.13 0.18 -22.18
CA GLU B 60 17.75 -0.09 -22.60
C GLU B 60 17.62 -1.24 -23.51
N GLU B 61 18.64 -1.46 -24.33
CA GLU B 61 18.62 -2.69 -25.14
C GLU B 61 18.50 -3.99 -24.33
N GLN B 62 19.30 -4.04 -23.28
CA GLN B 62 19.44 -5.21 -22.46
C GLN B 62 18.21 -5.31 -21.57
N VAL B 63 17.83 -4.16 -20.95
CA VAL B 63 16.72 -4.12 -20.02
C VAL B 63 15.47 -4.57 -20.80
N GLY B 64 15.31 -4.09 -22.03
CA GLY B 64 14.14 -4.44 -22.85
C GLY B 64 14.19 -5.94 -23.15
N LEU B 65 15.37 -6.42 -23.59
CA LEU B 65 15.47 -7.86 -23.85
C LEU B 65 15.05 -8.71 -22.64
N ALA B 66 15.59 -8.39 -21.46
CA ALA B 66 15.13 -9.09 -20.19
C ALA B 66 13.67 -9.10 -20.03
N ILE B 67 13.03 -7.92 -20.19
CA ILE B 67 11.60 -7.85 -19.98
C ILE B 67 10.88 -8.73 -21.02
N ARG B 68 11.24 -8.54 -22.29
CA ARG B 68 10.59 -9.24 -23.36
C ARG B 68 10.86 -10.76 -23.20
N SER B 69 11.96 -11.09 -22.53
CA SER B 69 12.44 -12.46 -22.33
C SER B 69 11.65 -13.11 -21.14
N LYS B 70 11.28 -12.34 -20.14
CA LYS B 70 10.51 -12.89 -19.02
C LYS B 70 9.07 -12.89 -19.41
N ILE B 71 8.73 -12.15 -20.48
CA ILE B 71 7.38 -12.17 -21.02
C ILE B 71 7.14 -13.41 -21.87
N ALA B 72 7.88 -13.55 -22.98
CA ALA B 72 7.71 -14.68 -23.93
C ALA B 72 7.88 -16.06 -23.27
N ASP B 73 8.51 -16.10 -22.09
CA ASP B 73 8.63 -17.34 -21.29
C ASP B 73 7.50 -17.40 -20.23
N GLY B 74 6.46 -16.61 -20.46
CA GLY B 74 5.27 -16.45 -19.57
C GLY B 74 5.60 -16.28 -18.09
N SER B 75 6.86 -15.95 -17.75
CA SER B 75 7.18 -15.62 -16.36
C SER B 75 6.38 -14.36 -15.84
N VAL B 76 6.00 -13.45 -16.75
CA VAL B 76 5.27 -12.21 -16.41
C VAL B 76 4.53 -11.75 -17.66
N LYS B 77 3.48 -10.97 -17.46
CA LYS B 77 2.73 -10.37 -18.61
C LYS B 77 3.05 -8.84 -18.75
N ARG B 78 2.86 -8.26 -19.93
CA ARG B 78 3.32 -6.86 -20.18
C ARG B 78 2.60 -5.92 -19.20
N GLU B 79 1.33 -6.23 -18.96
CA GLU B 79 0.47 -5.45 -18.04
C GLU B 79 0.96 -5.60 -16.63
N ASP B 80 1.74 -6.66 -16.39
CA ASP B 80 2.31 -6.83 -15.05
C ASP B 80 3.73 -6.38 -14.92
N ILE B 81 4.24 -5.60 -15.89
CA ILE B 81 5.55 -4.98 -15.78
C ILE B 81 5.30 -3.45 -15.82
N PHE B 82 5.79 -2.73 -14.83
CA PHE B 82 5.70 -1.27 -14.78
C PHE B 82 7.16 -0.83 -15.18
N TYR B 83 7.29 -0.38 -16.40
CA TYR B 83 8.64 0.01 -16.89
C TYR B 83 8.81 1.54 -17.01
N THR B 84 9.82 2.08 -16.33
CA THR B 84 10.11 3.54 -16.37
C THR B 84 11.36 3.86 -17.20
N SER B 85 11.24 4.88 -18.04
CA SER B 85 12.33 5.44 -18.71
C SER B 85 12.37 6.93 -18.38
N LYS B 86 13.43 7.63 -18.84
CA LYS B 86 13.65 9.02 -18.49
C LYS B 86 14.18 9.79 -19.68
N LEU B 87 13.66 11.00 -19.83
CA LEU B 87 14.14 11.91 -20.88
C LEU B 87 15.46 12.56 -20.39
N TRP B 88 16.52 12.37 -21.13
CA TRP B 88 17.81 13.01 -20.74
C TRP B 88 17.76 14.47 -21.11
N SER B 89 18.66 15.23 -20.47
CA SER B 89 18.72 16.70 -20.56
C SER B 89 19.14 17.27 -21.93
N ASN B 90 19.62 16.43 -22.85
CA ASN B 90 19.91 16.91 -24.18
C ASN B 90 18.70 16.86 -25.09
N SER B 91 17.52 16.41 -24.53
CA SER B 91 16.31 16.35 -25.37
C SER B 91 15.17 17.12 -24.70
N HIS B 92 15.47 18.19 -23.96
CA HIS B 92 14.37 18.96 -23.34
C HIS B 92 13.66 19.81 -24.32
N ARG B 93 14.27 20.18 -25.46
CA ARG B 93 13.57 21.03 -26.37
C ARG B 93 12.25 20.33 -26.81
N PRO B 94 11.12 21.05 -26.90
CA PRO B 94 9.84 20.43 -27.20
C PRO B 94 9.85 19.47 -28.38
N GLU B 95 10.44 19.86 -29.52
CA GLU B 95 10.48 19.02 -30.75
C GLU B 95 11.45 17.82 -30.58
N LEU B 96 12.15 17.68 -29.46
CA LEU B 96 13.09 16.58 -29.24
C LEU B 96 12.57 15.55 -28.28
N VAL B 97 11.48 15.86 -27.60
CA VAL B 97 10.98 14.95 -26.54
C VAL B 97 10.37 13.63 -27.06
N ARG B 98 9.44 13.72 -28.03
CA ARG B 98 8.82 12.47 -28.53
C ARG B 98 9.93 11.63 -29.23
N PRO B 99 10.80 12.26 -30.06
CA PRO B 99 11.89 11.48 -30.73
C PRO B 99 12.79 10.75 -29.71
N ALA B 100 13.01 11.32 -28.51
CA ALA B 100 13.85 10.68 -27.49
C ALA B 100 13.09 9.45 -26.92
N LEU B 101 11.78 9.64 -26.73
CA LEU B 101 10.99 8.55 -26.17
C LEU B 101 10.99 7.46 -27.21
N GLU B 102 10.70 7.81 -28.46
CA GLU B 102 10.62 6.81 -29.56
C GLU B 102 11.95 6.05 -29.74
N ARG B 103 13.08 6.71 -29.49
CA ARG B 103 14.38 6.05 -29.60
C ARG B 103 14.53 5.06 -28.47
N SER B 104 14.08 5.45 -27.26
CA SER B 104 14.08 4.54 -26.10
C SER B 104 13.24 3.32 -26.44
N LEU B 105 12.02 3.54 -26.97
CA LEU B 105 11.12 2.46 -27.28
C LEU B 105 11.69 1.52 -28.38
N LYS B 106 12.39 2.10 -29.31
CA LYS B 106 13.03 1.27 -30.38
C LYS B 106 14.10 0.39 -29.79
N ASN B 107 14.93 0.95 -28.91
CA ASN B 107 15.97 0.20 -28.23
C ASN B 107 15.34 -0.92 -27.38
N LEU B 108 14.26 -0.60 -26.68
CA LEU B 108 13.57 -1.58 -25.84
C LEU B 108 12.75 -2.57 -26.67
N GLN B 109 12.45 -2.20 -27.93
CA GLN B 109 11.47 -2.94 -28.71
C GLN B 109 10.16 -3.13 -27.95
N LEU B 110 9.64 -2.05 -27.36
CA LEU B 110 8.34 -2.07 -26.65
C LEU B 110 7.46 -1.01 -27.25
N ASP B 111 6.15 -1.18 -27.13
CA ASP B 111 5.22 -0.26 -27.73
C ASP B 111 5.02 1.00 -26.89
N TYR B 112 5.26 0.88 -25.57
CA TYR B 112 5.11 2.03 -24.68
C TYR B 112 5.90 1.85 -23.40
N VAL B 113 6.12 2.96 -22.67
CA VAL B 113 6.69 2.85 -21.34
C VAL B 113 5.58 3.11 -20.38
N ASP B 114 5.67 2.54 -19.19
CA ASP B 114 4.63 2.87 -18.21
C ASP B 114 4.79 4.24 -17.60
N LEU B 115 6.02 4.73 -17.56
CA LEU B 115 6.30 6.03 -17.00
C LEU B 115 7.49 6.63 -17.72
N TYR B 116 7.35 7.90 -18.05
CA TYR B 116 8.41 8.68 -18.64
C TYR B 116 8.65 9.88 -17.79
N LEU B 117 9.88 10.05 -17.31
CA LEU B 117 10.22 11.19 -16.44
C LEU B 117 11.17 12.13 -17.14
N ILE B 118 11.08 13.41 -16.73
CA ILE B 118 12.13 14.38 -17.14
C ILE B 118 13.20 14.05 -16.12
N HIS B 119 14.30 13.51 -16.62
CA HIS B 119 15.32 12.99 -15.71
C HIS B 119 15.94 14.02 -14.75
N PHE B 120 16.26 15.24 -15.27
CA PHE B 120 16.97 16.24 -14.50
C PHE B 120 16.59 17.58 -15.05
N PRO B 121 16.20 18.55 -14.21
CA PRO B 121 15.65 19.84 -14.71
C PRO B 121 16.68 20.76 -15.43
N VAL B 122 17.96 20.51 -15.34
CA VAL B 122 18.92 21.36 -16.08
C VAL B 122 19.09 20.83 -17.55
N SER B 123 19.15 21.72 -18.54
CA SER B 123 19.18 21.34 -19.95
C SER B 123 20.60 21.43 -20.45
N VAL B 124 20.99 20.55 -21.37
CA VAL B 124 22.31 20.67 -22.04
C VAL B 124 22.12 20.68 -23.55
N LYS B 125 23.12 21.17 -24.26
CA LYS B 125 23.09 21.27 -25.71
C LYS B 125 22.63 19.92 -26.40
N PRO B 126 21.71 20.00 -27.37
CA PRO B 126 21.27 18.82 -28.04
C PRO B 126 22.41 18.13 -28.83
N GLY B 127 22.34 16.82 -28.98
CA GLY B 127 23.40 16.06 -29.63
C GLY B 127 23.51 14.72 -29.03
N GLU B 128 24.43 13.91 -29.61
CA GLU B 128 24.60 12.53 -29.08
C GLU B 128 25.24 12.53 -27.67
N GLU B 129 26.17 13.42 -27.42
CA GLU B 129 26.83 13.43 -26.15
C GLU B 129 25.87 13.83 -25.03
N VAL B 130 25.84 13.01 -23.99
CA VAL B 130 24.92 13.27 -22.87
C VAL B 130 25.46 14.32 -21.92
N ILE B 131 26.80 14.49 -21.83
CA ILE B 131 27.32 15.56 -21.03
C ILE B 131 28.31 16.33 -21.91
N PRO B 132 27.81 17.15 -22.83
CA PRO B 132 28.65 17.85 -23.77
C PRO B 132 29.43 18.93 -23.02
N LYS B 133 30.72 19.09 -23.39
CA LYS B 133 31.64 20.09 -22.80
C LYS B 133 32.34 20.96 -23.81
N ASP B 134 32.67 22.20 -23.41
CA ASP B 134 33.28 23.12 -24.39
C ASP B 134 34.82 22.96 -24.36
N GLU B 135 35.50 23.83 -25.09
CA GLU B 135 37.00 23.74 -25.27
C GLU B 135 37.66 23.89 -23.91
N ASN B 136 36.99 24.59 -22.98
CA ASN B 136 37.51 24.84 -21.64
C ASN B 136 37.14 23.77 -20.69
N GLY B 137 36.51 22.71 -21.19
CA GLY B 137 36.06 21.63 -20.28
C GLY B 137 34.82 21.99 -19.51
N LYS B 138 34.15 23.09 -19.86
CA LYS B 138 32.93 23.45 -19.11
C LYS B 138 31.65 22.80 -19.77
N ILE B 139 30.62 22.51 -18.98
CA ILE B 139 29.38 21.93 -19.54
C ILE B 139 28.76 22.88 -20.55
N LEU B 140 28.27 22.31 -21.66
CA LEU B 140 27.50 23.09 -22.65
C LEU B 140 26.03 23.06 -22.28
N PHE B 141 25.65 23.96 -21.36
CA PHE B 141 24.30 24.07 -20.93
C PHE B 141 23.46 24.64 -22.08
N ASP B 142 22.14 24.41 -22.00
CA ASP B 142 21.19 25.00 -22.95
C ASP B 142 20.07 25.62 -22.11
N THR B 143 19.26 26.45 -22.74
CA THR B 143 18.16 27.14 -21.99
C THR B 143 16.89 26.61 -22.68
N VAL B 144 16.04 25.93 -21.87
CA VAL B 144 14.75 25.42 -22.36
C VAL B 144 13.69 25.64 -21.25
N ASP B 145 12.54 26.15 -21.64
CA ASP B 145 11.36 26.37 -20.74
C ASP B 145 10.85 24.99 -20.40
N LEU B 146 11.00 24.56 -19.16
CA LEU B 146 10.52 23.22 -18.76
C LEU B 146 9.02 23.10 -18.99
N CYS B 147 8.26 24.22 -18.95
CA CYS B 147 6.84 24.14 -19.23
C CYS B 147 6.61 23.64 -20.60
N ALA B 148 7.44 24.06 -21.53
CA ALA B 148 7.31 23.58 -22.91
C ALA B 148 7.72 22.11 -23.01
N THR B 149 8.76 21.70 -22.27
CA THR B 149 9.12 20.29 -22.26
C THR B 149 7.96 19.48 -21.69
N TRP B 150 7.30 20.00 -20.62
CA TRP B 150 6.21 19.24 -20.00
C TRP B 150 5.02 19.16 -20.97
N GLU B 151 4.73 20.21 -21.73
CA GLU B 151 3.65 20.09 -22.70
C GLU B 151 3.94 19.00 -23.73
N ALA B 152 5.21 18.85 -24.06
CA ALA B 152 5.66 17.78 -24.99
C ALA B 152 5.53 16.42 -24.35
N MET B 153 5.73 16.29 -23.03
CA MET B 153 5.51 15.00 -22.39
C MET B 153 4.08 14.69 -22.38
N GLU B 154 3.19 15.69 -22.10
CA GLU B 154 1.76 15.41 -22.09
C GLU B 154 1.35 14.84 -23.46
N LYS B 155 1.91 15.32 -24.55
CA LYS B 155 1.56 14.83 -25.86
C LYS B 155 2.04 13.41 -26.03
N CYS B 156 3.12 12.99 -25.37
CA CYS B 156 3.55 11.61 -25.54
C CYS B 156 2.55 10.73 -24.77
N LYS B 157 2.04 11.23 -23.64
CA LYS B 157 1.05 10.39 -22.88
C LYS B 157 -0.21 10.35 -23.73
N ASP B 158 -0.63 11.45 -24.35
CA ASP B 158 -1.86 11.39 -25.18
C ASP B 158 -1.68 10.52 -26.42
N ALA B 159 -0.47 10.38 -26.89
CA ALA B 159 -0.18 9.52 -28.03
C ALA B 159 -0.08 8.07 -27.62
N GLY B 160 -0.08 7.82 -26.32
CA GLY B 160 -0.12 6.44 -25.86
C GLY B 160 1.30 5.86 -25.73
N LEU B 161 2.34 6.66 -26.00
CA LEU B 161 3.72 6.14 -25.91
C LEU B 161 4.17 6.02 -24.46
N ALA B 162 3.52 6.79 -23.55
CA ALA B 162 3.80 6.67 -22.11
C ALA B 162 2.49 6.62 -21.38
N LYS B 163 2.35 5.67 -20.48
CA LYS B 163 1.09 5.56 -19.78
C LYS B 163 0.92 6.70 -18.80
N SER B 164 2.00 7.01 -18.12
CA SER B 164 2.03 8.11 -17.15
C SER B 164 3.31 8.96 -17.37
N ILE B 165 3.25 10.22 -16.94
CA ILE B 165 4.47 11.03 -17.01
C ILE B 165 4.78 11.59 -15.62
N GLY B 166 6.01 11.83 -15.36
CA GLY B 166 6.39 12.39 -14.06
C GLY B 166 7.75 13.10 -14.20
N VAL B 167 8.35 13.44 -13.06
CA VAL B 167 9.64 14.15 -13.12
C VAL B 167 10.62 13.53 -12.13
N SER B 168 11.85 14.00 -12.18
CA SER B 168 12.94 13.50 -11.29
C SER B 168 13.86 14.66 -10.97
N ASN B 169 14.27 14.70 -9.71
CA ASN B 169 15.22 15.71 -9.27
C ASN B 169 14.61 17.09 -9.33
N PHE B 170 13.30 17.17 -9.12
CA PHE B 170 12.63 18.47 -9.11
C PHE B 170 12.52 18.88 -7.65
N ASN B 171 12.69 20.19 -7.38
CA ASN B 171 12.49 20.73 -6.05
C ASN B 171 11.10 21.35 -6.00
N HIS B 172 10.80 21.94 -4.85
CA HIS B 172 9.50 22.59 -4.60
C HIS B 172 9.17 23.62 -5.66
N ARG B 173 10.14 24.51 -5.94
CA ARG B 173 9.94 25.57 -6.95
C ARG B 173 9.60 25.03 -8.33
N LEU B 174 10.34 24.02 -8.76
CA LEU B 174 10.15 23.44 -10.08
C LEU B 174 8.80 22.68 -10.21
N LEU B 175 8.39 22.02 -9.11
CA LEU B 175 7.11 21.32 -9.10
C LEU B 175 6.02 22.32 -9.19
N GLU B 176 6.15 23.42 -8.48
CA GLU B 176 5.07 24.46 -8.53
C GLU B 176 4.93 25.05 -9.92
N MET B 177 6.08 25.20 -10.59
CA MET B 177 6.11 25.73 -11.94
C MET B 177 5.19 24.87 -12.81
N ILE B 178 5.32 23.52 -12.73
CA ILE B 178 4.51 22.60 -13.55
C ILE B 178 3.10 22.62 -13.09
N LEU B 179 2.91 22.45 -11.78
CA LEU B 179 1.54 22.37 -11.20
C LEU B 179 0.72 23.60 -11.48
N ASN B 180 1.39 24.73 -11.56
CA ASN B 180 0.72 26.01 -11.84
C ASN B 180 0.72 26.43 -13.30
N LYS B 181 1.21 25.61 -14.22
CA LYS B 181 1.32 25.97 -15.61
C LYS B 181 -0.05 26.20 -16.18
N PRO B 182 -0.21 27.32 -16.85
CA PRO B 182 -1.49 27.58 -17.53
C PRO B 182 -1.82 26.50 -18.56
N GLY B 183 -3.03 25.99 -18.47
CA GLY B 183 -3.51 24.95 -19.40
C GLY B 183 -2.96 23.54 -19.08
N LEU B 184 -2.39 23.36 -17.90
CA LEU B 184 -1.88 22.05 -17.51
C LEU B 184 -2.90 20.93 -17.81
N LYS B 185 -2.43 19.84 -18.45
CA LYS B 185 -3.33 18.71 -18.74
C LYS B 185 -3.12 17.59 -17.76
N TYR B 186 -1.88 17.32 -17.42
CA TYR B 186 -1.58 16.21 -16.54
C TYR B 186 -0.50 16.63 -15.52
N LYS B 187 -0.83 16.41 -14.22
CA LYS B 187 0.15 16.71 -13.14
C LYS B 187 1.22 15.63 -13.27
N PRO B 188 2.41 15.83 -12.72
CA PRO B 188 3.38 14.77 -12.72
C PRO B 188 2.85 13.69 -11.74
N VAL B 189 3.04 12.38 -12.04
CA VAL B 189 2.47 11.36 -11.14
C VAL B 189 3.46 11.15 -10.01
N CYS B 190 4.71 11.49 -10.26
CA CYS B 190 5.75 11.26 -9.26
C CYS B 190 6.87 12.22 -9.38
N ASN B 191 7.69 12.22 -8.33
CA ASN B 191 8.95 13.00 -8.38
C ASN B 191 9.98 12.04 -7.80
N GLN B 192 10.85 11.51 -8.68
CA GLN B 192 11.78 10.54 -8.25
C GLN B 192 13.13 11.32 -7.76
N VAL B 193 13.46 11.13 -6.48
CA VAL B 193 14.57 11.86 -5.91
C VAL B 193 15.33 10.96 -4.94
N GLU B 194 16.48 11.48 -4.54
CA GLU B 194 17.33 10.74 -3.56
C GLU B 194 16.60 10.74 -2.22
N CYS B 195 16.48 9.57 -1.60
CA CYS B 195 15.82 9.53 -0.32
C CYS B 195 16.20 8.27 0.46
N HIS B 196 16.52 8.46 1.74
CA HIS B 196 17.02 7.36 2.64
C HIS B 196 17.13 7.94 4.05
N PRO B 197 17.35 7.10 5.08
CA PRO B 197 17.44 7.58 6.46
C PRO B 197 18.44 8.75 6.68
N TYR B 198 19.47 8.93 5.85
CA TYR B 198 20.36 10.05 6.04
C TYR B 198 19.93 11.33 5.32
N PHE B 199 18.87 11.21 4.47
CA PHE B 199 18.34 12.31 3.68
C PHE B 199 16.89 11.91 3.35
N ASN B 200 16.02 12.05 4.36
CA ASN B 200 14.73 11.48 4.30
C ASN B 200 13.67 12.42 3.66
N GLN B 201 14.06 13.56 3.10
CA GLN B 201 13.15 14.39 2.26
C GLN B 201 11.80 14.69 2.94
N ARG B 202 11.74 14.73 4.26
CA ARG B 202 10.45 14.92 4.94
C ARG B 202 9.66 16.12 4.35
N LYS B 203 10.30 17.29 4.22
CA LYS B 203 9.65 18.47 3.67
C LYS B 203 9.10 18.25 2.24
N LEU B 204 9.93 17.80 1.35
CA LEU B 204 9.50 17.58 -0.03
C LEU B 204 8.42 16.50 -0.12
N LEU B 205 8.60 15.47 0.70
CA LEU B 205 7.66 14.36 0.82
C LEU B 205 6.28 14.89 1.17
N ASP B 206 6.24 15.66 2.24
CA ASP B 206 4.96 16.25 2.61
C ASP B 206 4.37 17.12 1.49
N PHE B 207 5.23 17.87 0.84
CA PHE B 207 4.67 18.68 -0.24
C PHE B 207 4.07 17.84 -1.32
N CYS B 208 4.76 16.79 -1.74
CA CYS B 208 4.30 15.86 -2.78
C CYS B 208 3.02 15.26 -2.33
N LYS B 209 2.97 14.79 -1.09
CA LYS B 209 1.73 14.23 -0.58
C LYS B 209 0.56 15.19 -0.70
N SER B 210 0.82 16.48 -0.37
CA SER B 210 -0.24 17.49 -0.45
C SER B 210 -0.81 17.69 -1.85
N LYS B 211 -0.11 17.23 -2.88
CA LYS B 211 -0.56 17.42 -4.24
C LYS B 211 -0.78 16.01 -4.89
N ASP B 212 -0.75 14.95 -4.03
CA ASP B 212 -0.92 13.59 -4.52
C ASP B 212 0.11 13.25 -5.58
N ILE B 213 1.38 13.62 -5.35
CA ILE B 213 2.46 13.24 -6.22
C ILE B 213 3.21 12.21 -5.42
N VAL B 214 3.47 11.07 -6.02
CA VAL B 214 4.26 10.03 -5.30
C VAL B 214 5.75 10.30 -5.33
N LEU B 215 6.39 10.23 -4.16
CA LEU B 215 7.81 10.51 -4.16
C LEU B 215 8.44 9.13 -4.31
N VAL B 216 9.25 8.98 -5.30
CA VAL B 216 9.97 7.72 -5.56
C VAL B 216 11.41 7.91 -5.11
N ALA B 217 11.89 7.04 -4.21
CA ALA B 217 13.23 7.17 -3.62
C ALA B 217 14.27 6.36 -4.40
N TYR B 218 15.31 7.08 -4.89
CA TYR B 218 16.46 6.37 -5.43
C TYR B 218 17.63 6.43 -4.47
N SER B 219 18.70 5.65 -4.75
CA SER B 219 19.83 5.57 -3.83
C SER B 219 19.27 5.38 -2.41
N ALA B 220 18.23 4.58 -2.34
CA ALA B 220 17.55 4.34 -1.03
C ALA B 220 18.42 3.49 -0.08
N LEU B 221 19.37 2.78 -0.68
CA LEU B 221 20.32 1.86 0.04
C LEU B 221 21.69 2.48 0.26
N GLY B 222 21.75 3.79 0.01
CA GLY B 222 22.95 4.56 0.24
C GLY B 222 23.70 4.84 -1.06
N SER B 223 23.09 4.44 -2.17
CA SER B 223 23.64 4.69 -3.55
C SER B 223 24.78 3.76 -3.97
N HIS B 224 25.03 3.82 -5.28
CA HIS B 224 26.12 3.11 -5.95
C HIS B 224 27.52 3.55 -5.54
N ARG B 225 27.61 4.66 -4.81
CA ARG B 225 28.88 5.25 -4.32
C ARG B 225 29.96 5.36 -5.41
N GLU B 226 29.54 5.50 -6.68
CA GLU B 226 30.44 5.65 -7.80
C GLU B 226 31.14 7.03 -7.86
N GLU B 227 32.46 7.00 -8.06
CA GLU B 227 33.19 8.23 -8.15
C GLU B 227 33.40 8.61 -9.63
N PRO B 228 33.10 9.94 -9.97
CA PRO B 228 33.36 11.02 -8.96
C PRO B 228 31.92 11.59 -8.58
N TRP B 229 30.86 10.83 -8.88
CA TRP B 229 29.46 11.23 -8.57
C TRP B 229 29.20 11.38 -7.07
N VAL B 230 29.72 10.43 -6.27
CA VAL B 230 29.46 10.38 -4.85
C VAL B 230 30.82 10.47 -4.11
N ASP B 231 30.89 11.34 -3.11
CA ASP B 231 32.09 11.45 -2.25
C ASP B 231 32.36 10.15 -1.47
N PRO B 232 33.55 9.54 -1.68
CA PRO B 232 33.91 8.28 -1.00
C PRO B 232 34.03 8.46 0.52
N ASN B 233 34.29 9.70 0.94
CA ASN B 233 34.26 10.04 2.36
C ASN B 233 32.88 10.01 3.00
N SER B 234 31.83 9.99 2.20
CA SER B 234 30.47 9.97 2.76
C SER B 234 30.20 8.67 3.53
N PRO B 235 29.44 8.77 4.62
CA PRO B 235 29.08 7.59 5.44
C PRO B 235 28.41 6.50 4.63
N VAL B 236 28.85 5.27 4.88
CA VAL B 236 28.12 4.10 4.33
C VAL B 236 26.74 3.84 5.04
N LEU B 237 25.66 4.08 4.30
CA LEU B 237 24.37 3.92 4.90
C LEU B 237 24.18 2.56 5.57
N LEU B 238 24.39 1.50 4.81
CA LEU B 238 24.10 0.15 5.28
C LEU B 238 24.97 -0.33 6.51
N GLU B 239 26.07 0.44 6.80
CA GLU B 239 26.84 0.24 8.02
C GLU B 239 26.27 0.98 9.25
N ASP B 240 25.15 1.74 9.06
CA ASP B 240 24.62 2.52 10.16
C ASP B 240 24.33 1.68 11.41
N PRO B 241 24.72 2.18 12.59
CA PRO B 241 24.58 1.40 13.85
C PRO B 241 23.12 1.07 14.16
N VAL B 242 22.29 2.08 14.12
CA VAL B 242 20.82 1.90 14.34
C VAL B 242 20.17 0.94 13.31
N LEU B 243 20.44 1.14 12.02
CA LEU B 243 19.92 0.21 10.99
C LEU B 243 20.35 -1.24 11.28
N CYS B 244 21.64 -1.41 11.58
CA CYS B 244 22.22 -2.73 11.88
C CYS B 244 21.58 -3.34 13.12
N ALA B 245 21.35 -2.53 14.14
CA ALA B 245 20.64 -3.00 15.35
C ALA B 245 19.23 -3.49 15.06
N LEU B 246 18.42 -2.61 14.47
CA LEU B 246 17.07 -3.00 14.01
C LEU B 246 17.13 -4.21 13.11
N ALA B 247 18.15 -4.31 12.22
CA ALA B 247 18.24 -5.45 11.34
C ALA B 247 18.41 -6.76 12.17
N LYS B 248 19.23 -6.70 13.23
CA LYS B 248 19.41 -7.84 14.14
C LYS B 248 18.16 -8.24 14.88
N LYS B 249 17.46 -7.24 15.45
CA LYS B 249 16.25 -7.42 16.17
C LYS B 249 15.28 -8.18 15.31
N HIS B 250 15.12 -7.75 14.05
CA HIS B 250 14.10 -8.37 13.17
C HIS B 250 14.69 -9.60 12.48
N LYS B 251 15.94 -9.85 12.75
CA LYS B 251 16.66 -10.86 11.96
C LYS B 251 16.40 -10.65 10.42
N ARG B 252 16.72 -9.45 9.95
CA ARG B 252 16.69 -9.12 8.53
C ARG B 252 18.05 -8.53 8.21
N THR B 253 18.08 -7.54 7.32
CA THR B 253 19.33 -6.86 7.01
C THR B 253 19.11 -5.35 7.06
N PRO B 254 20.18 -4.55 7.14
CA PRO B 254 20.05 -3.11 7.17
C PRO B 254 19.38 -2.57 5.88
N ALA B 255 19.56 -3.28 4.78
CA ALA B 255 18.93 -2.89 3.51
C ALA B 255 17.41 -3.02 3.66
N LEU B 256 16.98 -4.21 4.08
CA LEU B 256 15.58 -4.48 4.32
C LEU B 256 14.92 -3.42 5.22
N ILE B 257 15.62 -3.03 6.28
CA ILE B 257 15.11 -1.94 7.16
C ILE B 257 14.94 -0.61 6.43
N ALA B 258 15.96 -0.25 5.60
CA ALA B 258 15.98 1.03 4.87
C ALA B 258 14.84 1.07 3.87
N LEU B 259 14.64 -0.05 3.17
CA LEU B 259 13.46 -0.19 2.25
C LEU B 259 12.08 -0.13 2.95
N ARG B 260 11.94 -0.88 4.05
CA ARG B 260 10.64 -0.95 4.69
C ARG B 260 10.26 0.43 5.23
N TYR B 261 11.27 1.13 5.73
CA TYR B 261 11.11 2.49 6.17
C TYR B 261 10.36 3.36 5.15
N GLN B 262 10.81 3.33 3.87
CA GLN B 262 10.19 4.15 2.83
C GLN B 262 8.77 3.72 2.58
N LEU B 263 8.56 2.42 2.46
CA LEU B 263 7.14 1.91 2.28
C LEU B 263 6.14 2.39 3.32
N GLN B 264 6.58 2.43 4.57
CA GLN B 264 5.69 2.82 5.67
C GLN B 264 5.51 4.33 5.80
N ARG B 265 6.30 5.12 5.07
CA ARG B 265 6.09 6.56 5.10
C ARG B 265 5.45 7.06 3.79
N GLY B 266 4.92 6.09 3.04
CA GLY B 266 4.24 6.42 1.80
C GLY B 266 5.14 6.63 0.60
N VAL B 267 6.38 6.11 0.64
CA VAL B 267 7.31 6.39 -0.47
C VAL B 267 7.45 5.10 -1.29
N VAL B 268 7.46 5.22 -2.60
CA VAL B 268 7.75 4.08 -3.46
C VAL B 268 9.27 4.06 -3.50
N VAL B 269 9.85 2.87 -3.28
CA VAL B 269 11.31 2.78 -3.15
C VAL B 269 11.93 1.88 -4.23
N LEU B 270 13.01 2.35 -4.82
CA LEU B 270 13.81 1.57 -5.75
C LEU B 270 14.98 0.86 -5.02
N ALA B 271 15.53 -0.17 -5.65
CA ALA B 271 16.60 -0.93 -5.04
C ALA B 271 17.30 -1.58 -6.20
N LYS B 272 18.60 -1.20 -6.37
CA LYS B 272 19.40 -1.74 -7.41
C LYS B 272 20.25 -2.88 -6.76
N SER B 273 20.24 -4.05 -7.37
CA SER B 273 21.28 -5.06 -7.08
C SER B 273 21.50 -5.94 -8.32
N TYR B 274 22.78 -6.28 -8.60
CA TYR B 274 23.07 -7.27 -9.61
C TYR B 274 23.41 -8.66 -8.98
N ASN B 275 23.11 -8.83 -7.70
CA ASN B 275 23.38 -10.08 -7.00
C ASN B 275 22.06 -10.93 -6.87
N GLU B 276 22.08 -12.11 -7.50
CA GLU B 276 20.93 -12.99 -7.55
C GLU B 276 20.28 -13.21 -6.20
N GLN B 277 21.11 -13.47 -5.19
CA GLN B 277 20.62 -13.57 -3.85
C GLN B 277 20.11 -12.26 -3.18
N ARG B 278 20.74 -11.12 -3.41
CA ARG B 278 20.28 -9.88 -2.81
C ARG B 278 18.98 -9.38 -3.52
N ILE B 279 18.96 -9.57 -4.86
CA ILE B 279 17.71 -9.39 -5.59
C ILE B 279 16.58 -10.09 -4.86
N ARG B 280 16.82 -11.33 -4.39
N ARG B 280 16.81 -11.33 -4.38
CA ARG B 280 15.80 -12.10 -3.65
CA ARG B 280 15.76 -12.07 -3.64
C ARG B 280 15.50 -11.54 -2.26
C ARG B 280 15.49 -11.52 -2.25
N GLN B 281 16.56 -11.18 -1.53
CA GLN B 281 16.43 -10.55 -0.22
C GLN B 281 15.44 -9.30 -0.20
N ASN B 282 15.69 -8.36 -1.11
CA ASN B 282 15.01 -7.11 -1.16
C ASN B 282 13.47 -7.27 -1.27
N VAL B 283 13.03 -8.27 -2.02
CA VAL B 283 11.62 -8.61 -2.19
C VAL B 283 10.97 -9.07 -0.86
N GLN B 284 11.80 -9.33 0.13
CA GLN B 284 11.33 -9.76 1.44
C GLN B 284 10.88 -8.57 2.23
N VAL B 285 11.00 -7.35 1.68
CA VAL B 285 10.48 -6.13 2.31
C VAL B 285 9.00 -6.26 2.63
N PHE B 286 8.33 -7.16 1.93
CA PHE B 286 6.89 -7.37 2.14
C PHE B 286 6.53 -8.38 3.20
N GLU B 287 7.54 -8.80 3.96
N GLU B 287 7.54 -8.80 3.96
CA GLU B 287 7.45 -9.92 4.90
CA GLU B 287 7.45 -9.91 4.91
C GLU B 287 7.41 -9.48 6.33
C GLU B 287 7.41 -9.48 6.33
N PHE B 288 7.68 -8.21 6.59
CA PHE B 288 7.62 -7.69 7.96
C PHE B 288 7.16 -6.22 8.02
N GLN B 289 6.87 -5.75 9.25
CA GLN B 289 6.55 -4.33 9.49
C GLN B 289 7.41 -3.73 10.62
N LEU B 290 7.58 -2.41 10.59
CA LEU B 290 8.28 -1.67 11.66
C LEU B 290 7.23 -0.97 12.52
N THR B 291 7.52 -0.92 13.81
CA THR B 291 6.64 -0.29 14.76
C THR B 291 6.90 1.23 14.68
N SER B 292 6.06 2.03 15.34
CA SER B 292 6.13 3.48 15.26
C SER B 292 7.39 3.98 16.01
N GLU B 293 7.73 3.32 17.13
CA GLU B 293 9.02 3.67 17.83
C GLU B 293 10.19 3.45 16.89
N GLU B 294 10.12 2.38 16.10
CA GLU B 294 11.25 2.08 15.19
C GLU B 294 11.37 3.08 14.05
N MET B 295 10.21 3.50 13.56
CA MET B 295 10.08 4.50 12.53
C MET B 295 10.67 5.77 13.04
N LYS B 296 10.29 6.11 14.26
CA LYS B 296 10.87 7.26 14.95
C LYS B 296 12.41 7.19 15.07
N ALA B 297 12.94 5.98 15.30
CA ALA B 297 14.35 5.78 15.46
C ALA B 297 15.02 6.03 14.11
N ILE B 298 14.39 5.57 13.03
CA ILE B 298 14.99 5.73 11.68
C ILE B 298 14.93 7.19 11.27
N ASP B 299 13.80 7.87 11.58
CA ASP B 299 13.67 9.30 11.36
C ASP B 299 14.84 10.10 11.98
N GLY B 300 15.16 9.76 13.23
CA GLY B 300 16.37 10.29 13.89
C GLY B 300 17.69 10.22 13.15
N LEU B 301 17.86 9.33 12.17
CA LEU B 301 19.11 9.13 11.48
C LEU B 301 19.43 10.20 10.45
N ASN B 302 18.43 11.06 10.20
CA ASN B 302 18.50 12.08 9.18
C ASN B 302 19.63 13.02 9.44
N ARG B 303 20.48 13.21 8.43
CA ARG B 303 21.68 14.01 8.55
C ARG B 303 21.74 15.17 7.60
N ASN B 304 20.83 15.26 6.62
CA ASN B 304 20.92 16.28 5.56
C ASN B 304 22.15 16.09 4.70
N VAL B 305 22.63 14.86 4.56
CA VAL B 305 23.71 14.51 3.64
C VAL B 305 23.22 13.93 2.30
N ARG B 306 23.51 14.63 1.23
CA ARG B 306 23.04 14.18 -0.03
C ARG B 306 24.17 13.46 -0.79
N TYR B 307 24.04 12.15 -0.98
CA TYR B 307 25.04 11.40 -1.77
C TYR B 307 25.24 11.91 -3.20
N LEU B 308 24.17 12.25 -3.91
CA LEU B 308 24.25 12.66 -5.29
C LEU B 308 23.91 14.12 -5.51
N THR B 309 24.94 14.99 -5.52
CA THR B 309 24.70 16.42 -5.65
C THR B 309 24.52 16.75 -7.10
N LEU B 310 25.09 15.92 -7.95
CA LEU B 310 25.19 16.23 -9.39
C LEU B 310 25.62 17.66 -9.63
N ASP B 311 26.55 18.12 -8.80
CA ASP B 311 26.94 19.51 -8.85
C ASP B 311 27.74 19.93 -10.09
N ILE B 312 28.11 18.95 -10.92
CA ILE B 312 28.66 19.27 -12.21
C ILE B 312 27.65 20.08 -13.03
N PHE B 313 26.39 20.02 -12.59
CA PHE B 313 25.34 20.76 -13.34
C PHE B 313 24.96 22.02 -12.63
N ALA B 314 25.74 22.42 -11.64
CA ALA B 314 25.41 23.63 -10.86
C ALA B 314 25.65 24.90 -11.70
N GLY B 315 24.90 25.98 -11.39
CA GLY B 315 25.01 27.21 -12.20
C GLY B 315 23.70 27.67 -12.81
N PRO B 316 23.04 26.84 -13.64
CA PRO B 316 21.78 27.27 -14.21
C PRO B 316 20.68 27.56 -13.21
N PRO B 317 19.71 28.40 -13.60
CA PRO B 317 18.60 28.76 -12.70
C PRO B 317 17.87 27.50 -12.22
N ASN B 318 17.82 26.43 -13.02
CA ASN B 318 17.07 25.24 -12.64
C ASN B 318 17.85 24.15 -11.90
N TYR B 319 19.10 24.44 -11.48
CA TYR B 319 19.83 23.48 -10.67
C TYR B 319 18.98 23.29 -9.43
N PRO B 320 18.56 22.04 -9.13
CA PRO B 320 17.50 21.80 -8.10
C PRO B 320 17.94 21.74 -6.62
N PHE B 321 19.26 21.54 -6.34
CA PHE B 321 19.62 21.31 -4.95
C PHE B 321 20.16 22.49 -4.16
N SER B 322 20.05 23.70 -4.68
CA SER B 322 20.41 24.90 -3.89
C SER B 322 19.36 25.30 -2.92
N ASP B 323 18.09 25.07 -3.27
CA ASP B 323 16.98 25.46 -2.36
C ASP B 323 16.94 24.59 -1.12
N GLU B 324 16.22 25.08 -0.12
CA GLU B 324 16.01 24.28 1.07
C GLU B 324 15.38 22.93 0.70
N TYR B 325 14.33 23.00 -0.14
CA TYR B 325 13.73 21.78 -0.69
C TYR B 325 12.94 22.16 -1.92
#